data_7LTB
# 
_entry.id   7LTB 
# 
_audit_conform.dict_name       mmcif_pdbx.dic 
_audit_conform.dict_version    5.395 
_audit_conform.dict_location   http://mmcif.pdb.org/dictionaries/ascii/mmcif_pdbx.dic 
# 
loop_
_database_2.database_id 
_database_2.database_code 
_database_2.pdbx_database_accession 
_database_2.pdbx_DOI 
PDB   7LTB         pdb_00007ltb 10.2210/pdb7ltb/pdb 
WWPDB D_1000254897 ?            ?                   
# 
loop_
_pdbx_audit_revision_history.ordinal 
_pdbx_audit_revision_history.data_content_type 
_pdbx_audit_revision_history.major_revision 
_pdbx_audit_revision_history.minor_revision 
_pdbx_audit_revision_history.revision_date 
1 'Structure model' 1 0 2022-12-07 
2 'Structure model' 1 1 2023-10-25 
3 'Structure model' 2 0 2023-11-15 
4 'Structure model' 2 1 2024-07-24 
# 
_pdbx_audit_revision_details.ordinal             1 
_pdbx_audit_revision_details.revision_ordinal    1 
_pdbx_audit_revision_details.data_content_type   'Structure model' 
_pdbx_audit_revision_details.provider            repository 
_pdbx_audit_revision_details.type                'Initial release' 
_pdbx_audit_revision_details.description         ? 
_pdbx_audit_revision_details.details             ? 
# 
loop_
_pdbx_audit_revision_group.ordinal 
_pdbx_audit_revision_group.revision_ordinal 
_pdbx_audit_revision_group.data_content_type 
_pdbx_audit_revision_group.group 
1 2 'Structure model' 'Data collection'        
2 2 'Structure model' 'Refinement description' 
3 3 'Structure model' 'Atomic model'           
4 3 'Structure model' 'Data collection'        
5 3 'Structure model' 'Derived calculations'   
6 4 'Structure model' 'Database references'    
# 
loop_
_pdbx_audit_revision_category.ordinal 
_pdbx_audit_revision_category.revision_ordinal 
_pdbx_audit_revision_category.data_content_type 
_pdbx_audit_revision_category.category 
1 2 'Structure model' chem_comp_atom                
2 2 'Structure model' chem_comp_bond                
3 2 'Structure model' pdbx_initial_refinement_model 
4 3 'Structure model' atom_site                     
5 3 'Structure model' chem_comp_atom                
6 3 'Structure model' chem_comp_bond                
7 3 'Structure model' struct_conn                   
8 4 'Structure model' citation                      
9 4 'Structure model' citation_author               
# 
loop_
_pdbx_audit_revision_item.ordinal 
_pdbx_audit_revision_item.revision_ordinal 
_pdbx_audit_revision_item.data_content_type 
_pdbx_audit_revision_item.item 
1  3 'Structure model' '_atom_site.auth_atom_id'             
2  3 'Structure model' '_atom_site.label_atom_id'            
3  3 'Structure model' '_chem_comp_atom.atom_id'             
4  3 'Structure model' '_chem_comp_bond.atom_id_1'           
5  3 'Structure model' '_chem_comp_bond.atom_id_2'           
6  3 'Structure model' '_struct_conn.pdbx_leaving_atom_flag' 
7  4 'Structure model' '_citation.country'                   
8  4 'Structure model' '_citation.journal_abbrev'            
9  4 'Structure model' '_citation.journal_id_CSD'            
10 4 'Structure model' '_citation.journal_id_ISSN'           
11 4 'Structure model' '_citation.journal_volume'            
12 4 'Structure model' '_citation.page_first'                
13 4 'Structure model' '_citation.page_last'                 
14 4 'Structure model' '_citation.pdbx_database_id_DOI'      
15 4 'Structure model' '_citation.pdbx_database_id_PubMed'   
16 4 'Structure model' '_citation.title'                     
17 4 'Structure model' '_citation.year'                      
# 
_pdbx_database_status.status_code                     REL 
_pdbx_database_status.status_code_sf                  REL 
_pdbx_database_status.status_code_mr                  ? 
_pdbx_database_status.entry_id                        7LTB 
_pdbx_database_status.recvd_initial_deposition_date   2021-02-19 
_pdbx_database_status.SG_entry                        N 
_pdbx_database_status.deposit_site                    RCSB 
_pdbx_database_status.process_site                    RCSB 
_pdbx_database_status.status_code_cs                  ? 
_pdbx_database_status.status_code_nmr_data            ? 
_pdbx_database_status.methods_development_category    ? 
_pdbx_database_status.pdb_format_compatible           Y 
# 
_pdbx_database_related.db_name        PDB 
_pdbx_database_related.details        Analog 
_pdbx_database_related.db_id          7LKC 
_pdbx_database_related.content_type   unspecified 
# 
loop_
_audit_author.name 
_audit_author.pdbx_ordinal 
_audit_author.identifier_ORCID 
'Davis, K.M.'          1 0000-0002-4351-5341 
'Jeffrey, P.D.'        2 0000-0002-0258-8907 
'Seyedsayamdost, M.R.' 3 0000-0003-2707-4854 
# 
_citation.abstract                  ? 
_citation.abstract_id_CAS           ? 
_citation.book_id_ISBN              ? 
_citation.book_publisher            ? 
_citation.book_publisher_city       ? 
_citation.book_title                ? 
_citation.coordinate_linkage        ? 
_citation.country                   US 
_citation.database_id_Medline       ? 
_citation.details                   ? 
_citation.id                        primary 
_citation.journal_abbrev            Nat.Chem.Biol. 
_citation.journal_id_ASTM           ? 
_citation.journal_id_CSD            ? 
_citation.journal_id_ISSN           1552-4469 
_citation.journal_full              ? 
_citation.journal_issue             ? 
_citation.journal_volume            20 
_citation.language                  ? 
_citation.page_first                924 
_citation.page_last                 933 
_citation.title                     'Potent and specific antibiotic combination therapy against Clostridioides difficile.' 
_citation.year                      2024 
_citation.database_id_CSD           ? 
_citation.pdbx_database_id_DOI      10.1038/s41589-024-01651-z 
_citation.pdbx_database_id_PubMed   38942968 
_citation.pdbx_database_id_patent   ? 
_citation.unpublished_flag          ? 
# 
loop_
_citation_author.citation_id 
_citation_author.name 
_citation_author.ordinal 
_citation_author.identifier_ORCID 
primary 'Chioti, V.T.'         1 ?                   
primary 'McWhorter, K.L.'      2 ?                   
primary 'Blue, T.C.'           3 ?                   
primary 'Li, Y.'               4 ?                   
primary 'Xu, F.'               5 0000-0002-0372-5643 
primary 'Jeffrey, P.D.'        6 ?                   
primary 'Davis, K.M.'          7 0000-0002-0258-8907 
primary 'Seyedsayamdost, M.R.' 8 0000-0003-2707-4854 
# 
loop_
_entity.id 
_entity.type 
_entity.src_method 
_entity.pdbx_description 
_entity.formula_weight 
_entity.pdbx_number_of_molecules 
_entity.pdbx_ec 
_entity.pdbx_mutation 
_entity.pdbx_fragment 
_entity.details 
1 polymer     nat 'Keratinicyclin B peptide moiety'                                                  1047.413 2  ? ? ? ? 
2 branched    nat '3-ammonio-2,3,6-trideoxy-alpha-L-arabino-hexopyranose-(1-2)-beta-D-glucopyranose' 310.321  2  ? ? ? ? 
3 non-polymer nat alpha-D-mannopyranose                                                              180.156  2  ? ? ? ? 
4 non-polymer nat '(2~{S},4~{S},5~{R},6~{S})-4-azanyl-5-methoxy-6-methyl-oxan-2-ol'                  161.199  2  ? ? ? ? 
5 non-polymer syn 'FORMIC ACID'                                                                      46.025   1  ? ? ? ? 
6 water       nat water                                                                              18.015   41 ? ? ? ? 
# 
_entity_poly.entity_id                      1 
_entity_poly.type                           'polypeptide(L)' 
_entity_poly.nstd_linkage                   no 
_entity_poly.nstd_monomer                   yes 
_entity_poly.pdbx_seq_one_letter_code       '(HT0)F(GHP)(GHP)(OMY)(3FG)' 
_entity_poly.pdbx_seq_one_letter_code_can   XFGGYX 
_entity_poly.pdbx_strand_id                 A,B 
_entity_poly.pdbx_target_identifier         ? 
# 
loop_
_pdbx_entity_nonpoly.entity_id 
_pdbx_entity_nonpoly.name 
_pdbx_entity_nonpoly.comp_id 
3 alpha-D-mannopyranose                                             MAN 
4 '(2~{S},4~{S},5~{R},6~{S})-4-azanyl-5-methoxy-6-methyl-oxan-2-ol' YBJ 
5 'FORMIC ACID'                                                     FMT 
6 water                                                             HOH 
# 
loop_
_entity_poly_seq.entity_id 
_entity_poly_seq.num 
_entity_poly_seq.mon_id 
_entity_poly_seq.hetero 
1 1 HT0 n 
1 2 PHE n 
1 3 GHP n 
1 4 GHP n 
1 5 OMY n 
1 6 3FG n 
# 
_entity_src_nat.entity_id                  1 
_entity_src_nat.pdbx_src_id                1 
_entity_src_nat.pdbx_alt_source_flag       sample 
_entity_src_nat.pdbx_beg_seq_num           1 
_entity_src_nat.pdbx_end_seq_num           6 
_entity_src_nat.common_name                ? 
_entity_src_nat.pdbx_organism_scientific   'Amycolatopsis keratiniphila' 
_entity_src_nat.pdbx_ncbi_taxonomy_id      129921 
_entity_src_nat.genus                      ? 
_entity_src_nat.species                    ? 
_entity_src_nat.strain                     ? 
_entity_src_nat.tissue                     ? 
_entity_src_nat.tissue_fraction            ? 
_entity_src_nat.pdbx_secretion             ? 
_entity_src_nat.pdbx_fragment              ? 
_entity_src_nat.pdbx_variant               ? 
_entity_src_nat.pdbx_cell_line             ? 
_entity_src_nat.pdbx_atcc                  ? 
_entity_src_nat.pdbx_cellular_location     ? 
_entity_src_nat.pdbx_organ                 ? 
_entity_src_nat.pdbx_organelle             ? 
_entity_src_nat.pdbx_cell                  ? 
_entity_src_nat.pdbx_plasmid_name          ? 
_entity_src_nat.pdbx_plasmid_details       ? 
_entity_src_nat.details                    ? 
# 
_pdbx_entity_branch.entity_id   2 
_pdbx_entity_branch.type        oligosaccharide 
# 
loop_
_pdbx_entity_branch_descriptor.ordinal 
_pdbx_entity_branch_descriptor.entity_id 
_pdbx_entity_branch_descriptor.descriptor 
_pdbx_entity_branch_descriptor.type 
_pdbx_entity_branch_descriptor.program 
_pdbx_entity_branch_descriptor.program_version 
1 2 'WURCS=2.0/2,2,1/[a2122h-1b_1-5][ad211m-1a_1-5_3*N]/1-2/a2-b1' WURCS  PDB2Glycan 1.1.0 
2 2 '[][D-1-deoxy-Glcp]{[(2+1)][a-L-2,6-deoxy-Glcp3N]{}}'          LINUCS PDB-CARE   ?     
# 
_pdbx_entity_branch_link.link_id                    1 
_pdbx_entity_branch_link.entity_id                  2 
_pdbx_entity_branch_link.entity_branch_list_num_1   2 
_pdbx_entity_branch_link.comp_id_1                  Z6G 
_pdbx_entity_branch_link.atom_id_1                  C1 
_pdbx_entity_branch_link.leaving_atom_id_1          O1 
_pdbx_entity_branch_link.entity_branch_list_num_2   1 
_pdbx_entity_branch_link.comp_id_2                  BGC 
_pdbx_entity_branch_link.atom_id_2                  O2 
_pdbx_entity_branch_link.leaving_atom_id_2          HO2 
_pdbx_entity_branch_link.value_order                sing 
_pdbx_entity_branch_link.details                    ? 
# 
loop_
_chem_comp.id 
_chem_comp.type 
_chem_comp.mon_nstd_flag 
_chem_comp.name 
_chem_comp.pdbx_synonyms 
_chem_comp.formula 
_chem_comp.formula_weight 
3FG 'L-peptide linking'           . '(2S)-amino(3,5-dihydroxyphenyl)ethanoic acid'                        ? 'C8 H9 N O4'     
183.161 
BGC 'D-saccharide, beta linking'  . beta-D-glucopyranose                                                  
'beta-D-glucose; D-glucose; glucose'  'C6 H12 O6'      180.156 
FMT non-polymer                   . 'FORMIC ACID'                                                         ? 'C H2 O2'        
46.025  
GHP 'D-peptide linking'           . '(2R)-amino(4-hydroxyphenyl)ethanoic acid'                            ? 'C8 H9 N O3'     
167.162 
HOH non-polymer                   . WATER                                                                 ? 'H2 O'           
18.015  
HT0 non-polymer                   . '(4R,5R)-5-(4-hydroxyphenyl)-2-oxo-1,3-oxazolidine-4-carboxylic acid' ? 'C10 H9 N O5'    
223.182 
MAN 'D-saccharide, alpha linking' . alpha-D-mannopyranose                                                 
'alpha-D-mannose; D-mannose; mannose' 'C6 H12 O6'      180.156 
OMY 'L-peptide linking'           n '(betaR)-3-chloro-beta-hydroxy-L-tyrosine'                            ? 'C9 H10 Cl N O4' 
231.633 
PHE 'L-peptide linking'           y PHENYLALANINE                                                         ? 'C9 H11 N O2'    
165.189 
YBJ non-polymer                   . '(2~{S},4~{S},5~{R},6~{S})-4-azanyl-5-methoxy-6-methyl-oxan-2-ol'     L-actinosamine 
'C7 H15 N O3'    161.199 
Z6G saccharide                    . 3-ammonio-2,3,6-trideoxy-alpha-L-arabino-hexopyranose                 ? 'C6 H14 N O3 1'  
148.180 
# 
loop_
_pdbx_chem_comp_identifier.comp_id 
_pdbx_chem_comp_identifier.type 
_pdbx_chem_comp_identifier.program 
_pdbx_chem_comp_identifier.program_version 
_pdbx_chem_comp_identifier.identifier 
BGC 'CONDENSED IUPAC CARBOHYDRATE SYMBOL' GMML     1.0 DGlcpb            
BGC 'COMMON NAME'                         GMML     1.0 b-D-glucopyranose 
BGC 'IUPAC CARBOHYDRATE SYMBOL'           PDB-CARE 1.0 b-D-Glcp          
BGC 'SNFG CARBOHYDRATE SYMBOL'            GMML     1.0 Glc               
MAN 'CONDENSED IUPAC CARBOHYDRATE SYMBOL' GMML     1.0 DManpa            
MAN 'COMMON NAME'                         GMML     1.0 a-D-mannopyranose 
MAN 'IUPAC CARBOHYDRATE SYMBOL'           PDB-CARE 1.0 a-D-Manp          
MAN 'SNFG CARBOHYDRATE SYMBOL'            GMML     1.0 Man               
# 
loop_
_pdbx_poly_seq_scheme.asym_id 
_pdbx_poly_seq_scheme.entity_id 
_pdbx_poly_seq_scheme.seq_id 
_pdbx_poly_seq_scheme.mon_id 
_pdbx_poly_seq_scheme.ndb_seq_num 
_pdbx_poly_seq_scheme.pdb_seq_num 
_pdbx_poly_seq_scheme.auth_seq_num 
_pdbx_poly_seq_scheme.pdb_mon_id 
_pdbx_poly_seq_scheme.auth_mon_id 
_pdbx_poly_seq_scheme.pdb_strand_id 
_pdbx_poly_seq_scheme.pdb_ins_code 
_pdbx_poly_seq_scheme.hetero 
A 1 1 HT0 1 2 2 HT0 HT0 A . n 
A 1 2 PHE 2 3 3 PHE PHE A . n 
A 1 3 GHP 3 4 4 GHP GHP A . n 
A 1 4 GHP 4 5 5 GHP GHP A . n 
A 1 5 OMY 5 6 6 OMY OMY A . n 
A 1 6 3FG 6 7 7 3FG 3FG A . n 
B 1 1 HT0 1 2 2 HT0 HT0 B . n 
B 1 2 PHE 2 3 3 PHE PHE B . n 
B 1 3 GHP 3 4 4 GHP GHP B . n 
B 1 4 GHP 4 5 5 GHP GHP B . n 
B 1 5 OMY 5 6 6 OMY OMY B . n 
B 1 6 3FG 6 7 7 3FG 3FG B . n 
# 
loop_
_pdbx_branch_scheme.asym_id 
_pdbx_branch_scheme.entity_id 
_pdbx_branch_scheme.mon_id 
_pdbx_branch_scheme.num 
_pdbx_branch_scheme.pdb_asym_id 
_pdbx_branch_scheme.pdb_mon_id 
_pdbx_branch_scheme.pdb_seq_num 
_pdbx_branch_scheme.auth_asym_id 
_pdbx_branch_scheme.auth_mon_id 
_pdbx_branch_scheme.auth_seq_num 
_pdbx_branch_scheme.hetero 
C 2 BGC 1 F BGC 1 A BGC 10 n 
C 2 Z6G 2 F Z6G 2 A S2B 11 n 
D 2 BGC 1 J BGC 1 B BGC 10 n 
D 2 Z6G 2 J Z6G 2 B S2B 11 n 
# 
loop_
_pdbx_nonpoly_scheme.asym_id 
_pdbx_nonpoly_scheme.entity_id 
_pdbx_nonpoly_scheme.mon_id 
_pdbx_nonpoly_scheme.ndb_seq_num 
_pdbx_nonpoly_scheme.pdb_seq_num 
_pdbx_nonpoly_scheme.auth_seq_num 
_pdbx_nonpoly_scheme.pdb_mon_id 
_pdbx_nonpoly_scheme.auth_mon_id 
_pdbx_nonpoly_scheme.pdb_strand_id 
_pdbx_nonpoly_scheme.pdb_ins_code 
E 3 MAN 1  101 9  MAN MAN A . 
F 4 YBJ 1  102 8  YBJ CIM A . 
G 3 MAN 1  101 9  MAN MAN B . 
H 4 YBJ 1  102 8  YBJ CIM B . 
I 5 FMT 1  103 1  FMT FMT B . 
J 6 HOH 1  201 23 HOH HOH A . 
J 6 HOH 2  202 25 HOH HOH A . 
J 6 HOH 3  203 7  HOH HOH A . 
J 6 HOH 4  204 26 HOH HOH A . 
J 6 HOH 5  205 19 HOH HOH A . 
J 6 HOH 6  206 21 HOH HOH A . 
J 6 HOH 7  207 34 HOH HOH A . 
J 6 HOH 8  208 5  HOH HOH A . 
J 6 HOH 9  209 30 HOH HOH A . 
J 6 HOH 10 210 14 HOH HOH A . 
J 6 HOH 11 211 11 HOH HOH A . 
J 6 HOH 12 212 24 HOH HOH A . 
J 6 HOH 13 213 28 HOH HOH A . 
J 6 HOH 14 214 22 HOH HOH A . 
J 6 HOH 15 215 37 HOH HOH A . 
J 6 HOH 16 216 6  HOH HOH A . 
J 6 HOH 17 217 4  HOH HOH A . 
J 6 HOH 18 218 20 HOH HOH A . 
J 6 HOH 19 219 29 HOH HOH A . 
J 6 HOH 20 220 16 HOH HOH A . 
K 6 HOH 1  201 32 HOH HOH B . 
K 6 HOH 2  202 35 HOH HOH B . 
K 6 HOH 3  203 27 HOH HOH B . 
K 6 HOH 4  204 39 HOH HOH B . 
K 6 HOH 5  205 1  HOH HOH B . 
K 6 HOH 6  206 8  HOH HOH B . 
K 6 HOH 7  207 13 HOH HOH B . 
K 6 HOH 8  208 3  HOH HOH B . 
K 6 HOH 9  209 2  HOH HOH B . 
K 6 HOH 10 210 33 HOH HOH B . 
K 6 HOH 11 211 12 HOH HOH B . 
K 6 HOH 12 212 40 HOH HOH B . 
K 6 HOH 13 213 15 HOH HOH B . 
K 6 HOH 14 214 36 HOH HOH B . 
K 6 HOH 15 215 17 HOH HOH B . 
K 6 HOH 16 216 38 HOH HOH B . 
K 6 HOH 17 217 10 HOH HOH B . 
K 6 HOH 18 218 31 HOH HOH B . 
K 6 HOH 19 219 18 HOH HOH B . 
K 6 HOH 20 220 41 HOH HOH B . 
K 6 HOH 21 221 9  HOH HOH B . 
# 
loop_
_software.citation_id 
_software.classification 
_software.compiler_name 
_software.compiler_version 
_software.contact_author 
_software.contact_author_email 
_software.date 
_software.description 
_software.dependencies 
_software.hardware 
_software.language 
_software.location 
_software.mods 
_software.name 
_software.os 
_software.os_version 
_software.type 
_software.version 
_software.pdbx_ordinal 
? 'data scaling'    ? ? ? ? ? ? ? ? ? ? ? Aimless     ? ? ? 0.7.4     1 
? phasing           ? ? ? ? ? ? ? ? ? ? ? PHASER      ? ? ? .         2 
? refinement        ? ? ? ? ? ? ? ? ? ? ? PHENIX      ? ? ? 1.17-3644 3 
? 'data extraction' ? ? ? ? ? ? ? ? ? ? ? PDB_EXTRACT ? ? ? 3.27      4 
? 'data reduction'  ? ? ? ? ? ? ? ? ? ? ? XDS         ? ? ? .         5 
# 
_cell.angle_alpha                  90.000 
_cell.angle_alpha_esd              ? 
_cell.angle_beta                   90.000 
_cell.angle_beta_esd               ? 
_cell.angle_gamma                  90.000 
_cell.angle_gamma_esd              ? 
_cell.entry_id                     7LTB 
_cell.details                      ? 
_cell.formula_units_Z              ? 
_cell.length_a                     24.316 
_cell.length_a_esd                 ? 
_cell.length_b                     29.667 
_cell.length_b_esd                 ? 
_cell.length_c                     32.209 
_cell.length_c_esd                 ? 
_cell.volume                       23235.017 
_cell.volume_esd                   ? 
_cell.Z_PDB                        8 
_cell.reciprocal_angle_alpha       ? 
_cell.reciprocal_angle_beta        ? 
_cell.reciprocal_angle_gamma       ? 
_cell.reciprocal_angle_alpha_esd   ? 
_cell.reciprocal_angle_beta_esd    ? 
_cell.reciprocal_angle_gamma_esd   ? 
_cell.reciprocal_length_a          ? 
_cell.reciprocal_length_b          ? 
_cell.reciprocal_length_c          ? 
_cell.reciprocal_length_a_esd      ? 
_cell.reciprocal_length_b_esd      ? 
_cell.reciprocal_length_c_esd      ? 
_cell.pdbx_unique_axis             ? 
# 
_symmetry.entry_id                         7LTB 
_symmetry.cell_setting                     ? 
_symmetry.Int_Tables_number                19 
_symmetry.space_group_name_Hall            'P 2ac 2ab' 
_symmetry.space_group_name_H-M             'P 21 21 21' 
_symmetry.pdbx_full_space_group_name_H-M   ? 
# 
_exptl.absorpt_coefficient_mu     ? 
_exptl.absorpt_correction_T_max   ? 
_exptl.absorpt_correction_T_min   ? 
_exptl.absorpt_correction_type    ? 
_exptl.absorpt_process_details    ? 
_exptl.entry_id                   7LTB 
_exptl.crystals_number            1 
_exptl.details                    ? 
_exptl.method                     'X-RAY DIFFRACTION' 
_exptl.method_details             ? 
# 
_exptl_crystal.colour                      ? 
_exptl_crystal.density_diffrn              ? 
_exptl_crystal.density_Matthews            2.77 
_exptl_crystal.density_method              ? 
_exptl_crystal.density_percent_sol         55.64 
_exptl_crystal.description                 ? 
_exptl_crystal.F_000                       ? 
_exptl_crystal.id                          1 
_exptl_crystal.preparation                 ? 
_exptl_crystal.size_max                    ? 
_exptl_crystal.size_mid                    ? 
_exptl_crystal.size_min                    ? 
_exptl_crystal.size_rad                    ? 
_exptl_crystal.colour_lustre               ? 
_exptl_crystal.colour_modifier             ? 
_exptl_crystal.colour_primary              ? 
_exptl_crystal.density_meas                ? 
_exptl_crystal.density_meas_esd            ? 
_exptl_crystal.density_meas_gt             ? 
_exptl_crystal.density_meas_lt             ? 
_exptl_crystal.density_meas_temp           ? 
_exptl_crystal.density_meas_temp_esd       ? 
_exptl_crystal.density_meas_temp_gt        ? 
_exptl_crystal.density_meas_temp_lt        ? 
_exptl_crystal.pdbx_crystal_image_url      ? 
_exptl_crystal.pdbx_crystal_image_format   ? 
_exptl_crystal.pdbx_mosaicity              ? 
_exptl_crystal.pdbx_mosaicity_esd          ? 
# 
_exptl_crystal_grow.apparatus       ? 
_exptl_crystal_grow.atmosphere      ? 
_exptl_crystal_grow.crystal_id      1 
_exptl_crystal_grow.details         ? 
_exptl_crystal_grow.method          'VAPOR DIFFUSION, SITTING DROP' 
_exptl_crystal_grow.method_ref      ? 
_exptl_crystal_grow.pH              4.6 
_exptl_crystal_grow.pressure        ? 
_exptl_crystal_grow.pressure_esd    ? 
_exptl_crystal_grow.seeding         ? 
_exptl_crystal_grow.seeding_ref     ? 
_exptl_crystal_grow.temp            295 
_exptl_crystal_grow.temp_details    ? 
_exptl_crystal_grow.temp_esd        ? 
_exptl_crystal_grow.time            ? 
_exptl_crystal_grow.pdbx_details    
'Peptide was mixed in a 3:1 ratio with 0.1 M sodium acetate (pH 4.6) and 2 M sodium formate alone' 
_exptl_crystal_grow.pdbx_pH_range   ? 
# 
_diffrn.ambient_environment              ? 
_diffrn.ambient_temp                     100 
_diffrn.ambient_temp_details             ? 
_diffrn.ambient_temp_esd                 ? 
_diffrn.crystal_id                       1 
_diffrn.crystal_support                  ? 
_diffrn.crystal_treatment                ? 
_diffrn.details                          ? 
_diffrn.id                               1 
_diffrn.ambient_pressure                 ? 
_diffrn.ambient_pressure_esd             ? 
_diffrn.ambient_pressure_gt              ? 
_diffrn.ambient_pressure_lt              ? 
_diffrn.ambient_temp_gt                  ? 
_diffrn.ambient_temp_lt                  ? 
_diffrn.pdbx_serial_crystal_experiment   N 
# 
_diffrn_detector.details                      ? 
_diffrn_detector.detector                     PIXEL 
_diffrn_detector.diffrn_id                    1 
_diffrn_detector.type                         'DECTRIS EIGER X 16M' 
_diffrn_detector.area_resol_mean              ? 
_diffrn_detector.dtime                        ? 
_diffrn_detector.pdbx_frames_total            ? 
_diffrn_detector.pdbx_collection_time_total   ? 
_diffrn_detector.pdbx_collection_date         2019-07-20 
_diffrn_detector.pdbx_frequency               ? 
# 
_diffrn_radiation.collimation                      ? 
_diffrn_radiation.diffrn_id                        1 
_diffrn_radiation.filter_edge                      ? 
_diffrn_radiation.inhomogeneity                    ? 
_diffrn_radiation.monochromator                    ? 
_diffrn_radiation.polarisn_norm                    ? 
_diffrn_radiation.polarisn_ratio                   ? 
_diffrn_radiation.probe                            ? 
_diffrn_radiation.type                             ? 
_diffrn_radiation.xray_symbol                      ? 
_diffrn_radiation.wavelength_id                    1 
_diffrn_radiation.pdbx_monochromatic_or_laue_m_l   M 
_diffrn_radiation.pdbx_wavelength_list             ? 
_diffrn_radiation.pdbx_wavelength                  ? 
_diffrn_radiation.pdbx_diffrn_protocol             'SINGLE WAVELENGTH' 
_diffrn_radiation.pdbx_analyzer                    ? 
_diffrn_radiation.pdbx_scattering_type             x-ray 
# 
_diffrn_radiation_wavelength.id           1 
_diffrn_radiation_wavelength.wavelength   0.652523 
_diffrn_radiation_wavelength.wt           1.0 
# 
_diffrn_source.current                     ? 
_diffrn_source.details                     ? 
_diffrn_source.diffrn_id                   1 
_diffrn_source.power                       ? 
_diffrn_source.size                        ? 
_diffrn_source.source                      SYNCHROTRON 
_diffrn_source.target                      ? 
_diffrn_source.type                        'APS BEAMLINE 23-ID-B' 
_diffrn_source.voltage                     ? 
_diffrn_source.take-off_angle              ? 
_diffrn_source.pdbx_wavelength_list        0.652523 
_diffrn_source.pdbx_wavelength             ? 
_diffrn_source.pdbx_synchrotron_beamline   23-ID-B 
_diffrn_source.pdbx_synchrotron_site       APS 
# 
_reflns.B_iso_Wilson_estimate            ? 
_reflns.entry_id                         7LTB 
_reflns.data_reduction_details           ? 
_reflns.data_reduction_method            ? 
_reflns.d_resolution_high                0.890 
_reflns.d_resolution_low                 32.210 
_reflns.details                          ? 
_reflns.limit_h_max                      ? 
_reflns.limit_h_min                      ? 
_reflns.limit_k_max                      ? 
_reflns.limit_k_min                      ? 
_reflns.limit_l_max                      ? 
_reflns.limit_l_min                      ? 
_reflns.number_all                       ? 
_reflns.number_obs                       18474 
_reflns.observed_criterion               ? 
_reflns.observed_criterion_F_max         ? 
_reflns.observed_criterion_F_min         ? 
_reflns.observed_criterion_I_max         ? 
_reflns.observed_criterion_I_min         ? 
_reflns.observed_criterion_sigma_F       ? 
_reflns.observed_criterion_sigma_I       ? 
_reflns.percent_possible_obs             99.100 
_reflns.R_free_details                   ? 
_reflns.Rmerge_F_all                     ? 
_reflns.Rmerge_F_obs                     ? 
_reflns.Friedel_coverage                 ? 
_reflns.number_gt                        ? 
_reflns.threshold_expression             ? 
_reflns.pdbx_redundancy                  11.700 
_reflns.pdbx_Rmerge_I_obs                0.073 
_reflns.pdbx_Rmerge_I_all                ? 
_reflns.pdbx_Rsym_value                  ? 
_reflns.pdbx_netI_over_av_sigmaI         ? 
_reflns.pdbx_netI_over_sigmaI            12.100 
_reflns.pdbx_res_netI_over_av_sigmaI_2   ? 
_reflns.pdbx_res_netI_over_sigmaI_2      ? 
_reflns.pdbx_chi_squared                 ? 
_reflns.pdbx_scaling_rejects             4 
_reflns.pdbx_d_res_high_opt              ? 
_reflns.pdbx_d_res_low_opt               ? 
_reflns.pdbx_d_res_opt_method            ? 
_reflns.phase_calculation_details        ? 
_reflns.pdbx_Rrim_I_all                  0.076 
_reflns.pdbx_Rpim_I_all                  0.022 
_reflns.pdbx_d_opt                       ? 
_reflns.pdbx_number_measured_all         216032 
_reflns.pdbx_diffrn_id                   1 
_reflns.pdbx_ordinal                     1 
_reflns.pdbx_CC_half                     0.999 
_reflns.pdbx_CC_star                     ? 
_reflns.pdbx_R_split                     ? 
# 
loop_
_reflns_shell.d_res_high 
_reflns_shell.d_res_low 
_reflns_shell.meanI_over_sigI_all 
_reflns_shell.meanI_over_sigI_obs 
_reflns_shell.number_measured_all 
_reflns_shell.number_measured_obs 
_reflns_shell.number_possible 
_reflns_shell.number_unique_all 
_reflns_shell.number_unique_obs 
_reflns_shell.percent_possible_all 
_reflns_shell.percent_possible_obs 
_reflns_shell.Rmerge_F_all 
_reflns_shell.Rmerge_F_obs 
_reflns_shell.Rmerge_I_all 
_reflns_shell.Rmerge_I_obs 
_reflns_shell.meanI_over_sigI_gt 
_reflns_shell.meanI_over_uI_all 
_reflns_shell.meanI_over_uI_gt 
_reflns_shell.number_measured_gt 
_reflns_shell.number_unique_gt 
_reflns_shell.percent_possible_gt 
_reflns_shell.Rmerge_F_gt 
_reflns_shell.Rmerge_I_gt 
_reflns_shell.pdbx_redundancy 
_reflns_shell.pdbx_Rsym_value 
_reflns_shell.pdbx_chi_squared 
_reflns_shell.pdbx_netI_over_sigmaI_all 
_reflns_shell.pdbx_netI_over_sigmaI_obs 
_reflns_shell.pdbx_Rrim_I_all 
_reflns_shell.pdbx_Rpim_I_all 
_reflns_shell.pdbx_rejects 
_reflns_shell.pdbx_ordinal 
_reflns_shell.pdbx_diffrn_id 
_reflns_shell.pdbx_CC_half 
_reflns_shell.pdbx_CC_star 
_reflns_shell.pdbx_R_split 
0.890 0.900  ? ? 4279 ? ? ? 787 85.900 ? ? ? ? 1.482 ? ? ? ? ? ? ? ? 5.400  ? ? ? 0.800  1.638 0.667 ? 1 1 0.547 ? ? 
4.860 32.210 ? ? 1486 ? ? ? 149 99.800 ? ? ? ? 0.039 ? ? ? ? ? ? ? ? 10.000 ? ? ? 41.500 0.041 0.012 ? 2 1 0.999 ? ? 
# 
_refine.aniso_B[1][1]                            ? 
_refine.aniso_B[1][2]                            ? 
_refine.aniso_B[1][3]                            ? 
_refine.aniso_B[2][2]                            ? 
_refine.aniso_B[2][3]                            ? 
_refine.aniso_B[3][3]                            ? 
_refine.B_iso_max                                ? 
_refine.B_iso_mean                               11.38 
_refine.B_iso_min                                ? 
_refine.correlation_coeff_Fo_to_Fc               ? 
_refine.correlation_coeff_Fo_to_Fc_free          ? 
_refine.details                                  ? 
_refine.diff_density_max                         ? 
_refine.diff_density_max_esd                     ? 
_refine.diff_density_min                         ? 
_refine.diff_density_min_esd                     ? 
_refine.diff_density_rms                         ? 
_refine.diff_density_rms_esd                     ? 
_refine.entry_id                                 7LTB 
_refine.pdbx_refine_id                           'X-RAY DIFFRACTION' 
_refine.ls_abs_structure_details                 ? 
_refine.ls_abs_structure_Flack                   ? 
_refine.ls_abs_structure_Flack_esd               ? 
_refine.ls_abs_structure_Rogers                  ? 
_refine.ls_abs_structure_Rogers_esd              ? 
_refine.ls_d_res_high                            0.95 
_refine.ls_d_res_low                             21.82 
_refine.ls_extinction_coef                       ? 
_refine.ls_extinction_coef_esd                   ? 
_refine.ls_extinction_expression                 ? 
_refine.ls_extinction_method                     ? 
_refine.ls_goodness_of_fit_all                   ? 
_refine.ls_goodness_of_fit_all_esd               ? 
_refine.ls_goodness_of_fit_obs                   ? 
_refine.ls_goodness_of_fit_obs_esd               ? 
_refine.ls_hydrogen_treatment                    ? 
_refine.ls_matrix_type                           ? 
_refine.ls_number_constraints                    ? 
_refine.ls_number_parameters                     ? 
_refine.ls_number_reflns_all                     ? 
_refine.ls_number_reflns_obs                     15216 
_refine.ls_number_reflns_R_free                  820 
_refine.ls_number_reflns_R_work                  14396 
_refine.ls_number_restraints                     ? 
_refine.ls_percent_reflns_obs                    99.81 
_refine.ls_percent_reflns_R_free                 5.39 
_refine.ls_R_factor_all                          ? 
_refine.ls_R_factor_obs                          0.1462 
_refine.ls_R_factor_R_free                       0.1509 
_refine.ls_R_factor_R_free_error                 ? 
_refine.ls_R_factor_R_free_error_details         ? 
_refine.ls_R_factor_R_work                       0.1458 
_refine.ls_R_Fsqd_factor_obs                     ? 
_refine.ls_R_I_factor_obs                        ? 
_refine.ls_redundancy_reflns_all                 ? 
_refine.ls_redundancy_reflns_obs                 ? 
_refine.ls_restrained_S_all                      ? 
_refine.ls_restrained_S_obs                      ? 
_refine.ls_shift_over_esd_max                    ? 
_refine.ls_shift_over_esd_mean                   ? 
_refine.ls_structure_factor_coef                 ? 
_refine.ls_weighting_details                     ? 
_refine.ls_weighting_scheme                      ? 
_refine.ls_wR_factor_all                         ? 
_refine.ls_wR_factor_obs                         ? 
_refine.ls_wR_factor_R_free                      ? 
_refine.ls_wR_factor_R_work                      ? 
_refine.occupancy_max                            ? 
_refine.occupancy_min                            ? 
_refine.solvent_model_details                    'FLAT BULK SOLVENT MODEL' 
_refine.solvent_model_param_bsol                 ? 
_refine.solvent_model_param_ksol                 ? 
_refine.pdbx_R_complete                          ? 
_refine.ls_R_factor_gt                           ? 
_refine.ls_goodness_of_fit_gt                    ? 
_refine.ls_goodness_of_fit_ref                   ? 
_refine.ls_shift_over_su_max                     ? 
_refine.ls_shift_over_su_max_lt                  ? 
_refine.ls_shift_over_su_mean                    ? 
_refine.ls_shift_over_su_mean_lt                 ? 
_refine.pdbx_ls_sigma_I                          ? 
_refine.pdbx_ls_sigma_F                          1.33 
_refine.pdbx_ls_sigma_Fsqd                       ? 
_refine.pdbx_data_cutoff_high_absF               ? 
_refine.pdbx_data_cutoff_high_rms_absF           ? 
_refine.pdbx_data_cutoff_low_absF                ? 
_refine.pdbx_isotropic_thermal_model             ? 
_refine.pdbx_ls_cross_valid_method               'FREE R-VALUE' 
_refine.pdbx_method_to_determine_struct          'MOLECULAR REPLACEMENT' 
_refine.pdbx_starting_model                      7LKC 
_refine.pdbx_stereochemistry_target_values       'GeoStd + Monomer Library + CDL v1.2' 
_refine.pdbx_R_Free_selection_details            ? 
_refine.pdbx_stereochem_target_val_spec_case     ? 
_refine.pdbx_overall_ESU_R                       ? 
_refine.pdbx_overall_ESU_R_Free                  ? 
_refine.pdbx_solvent_vdw_probe_radii             1.1100 
_refine.pdbx_solvent_ion_probe_radii             ? 
_refine.pdbx_solvent_shrinkage_radii             0.9000 
_refine.pdbx_real_space_R                        ? 
_refine.pdbx_density_correlation                 ? 
_refine.pdbx_pd_number_of_powder_patterns        ? 
_refine.pdbx_pd_number_of_points                 ? 
_refine.pdbx_pd_meas_number_of_points            ? 
_refine.pdbx_pd_proc_ls_prof_R_factor            ? 
_refine.pdbx_pd_proc_ls_prof_wR_factor           ? 
_refine.pdbx_pd_Marquardt_correlation_coeff      ? 
_refine.pdbx_pd_Fsqrd_R_factor                   ? 
_refine.pdbx_pd_ls_matrix_band_width             ? 
_refine.pdbx_overall_phase_error                 19.9702 
_refine.pdbx_overall_SU_R_free_Cruickshank_DPI   ? 
_refine.pdbx_overall_SU_R_free_Blow_DPI          ? 
_refine.pdbx_overall_SU_R_Blow_DPI               ? 
_refine.pdbx_TLS_residual_ADP_flag               ? 
_refine.pdbx_diffrn_id                           1 
_refine.overall_SU_B                             ? 
_refine.overall_SU_ML                            0.0779 
_refine.overall_SU_R_Cruickshank_DPI             ? 
_refine.overall_SU_R_free                        ? 
_refine.overall_FOM_free_R_set                   ? 
_refine.overall_FOM_work_R_set                   ? 
_refine.pdbx_average_fsc_overall                 ? 
_refine.pdbx_average_fsc_work                    ? 
_refine.pdbx_average_fsc_free                    ? 
# 
_refine_hist.pdbx_refine_id                   'X-RAY DIFFRACTION' 
_refine_hist.cycle_id                         LAST 
_refine_hist.details                          ? 
_refine_hist.d_res_high                       0.95 
_refine_hist.d_res_low                        21.82 
_refine_hist.number_atoms_solvent             41 
_refine_hist.number_atoms_total               276 
_refine_hist.number_reflns_all                ? 
_refine_hist.number_reflns_obs                ? 
_refine_hist.number_reflns_R_free             ? 
_refine_hist.number_reflns_R_work             ? 
_refine_hist.R_factor_all                     ? 
_refine_hist.R_factor_obs                     ? 
_refine_hist.R_factor_R_free                  ? 
_refine_hist.R_factor_R_work                  ? 
_refine_hist.pdbx_number_residues_total       ? 
_refine_hist.pdbx_B_iso_mean_ligand           ? 
_refine_hist.pdbx_B_iso_mean_solvent          ? 
_refine_hist.pdbx_number_atoms_protein        232 
_refine_hist.pdbx_number_atoms_nucleic_acid   0 
_refine_hist.pdbx_number_atoms_ligand         3 
_refine_hist.pdbx_number_atoms_lipid          ? 
_refine_hist.pdbx_number_atoms_carb           ? 
_refine_hist.pdbx_pseudo_atom_details         ? 
# 
loop_
_refine_ls_restr.pdbx_refine_id 
_refine_ls_restr.criterion 
_refine_ls_restr.dev_ideal 
_refine_ls_restr.dev_ideal_target 
_refine_ls_restr.number 
_refine_ls_restr.rejects 
_refine_ls_restr.type 
_refine_ls_restr.weight 
_refine_ls_restr.pdbx_restraint_function 
'X-RAY DIFFRACTION' ? 0.0126  ? 247 ? f_bond_d           ? ? 
'X-RAY DIFFRACTION' ? 2.4779  ? 342 ? f_angle_d          ? ? 
'X-RAY DIFFRACTION' ? 0.1111  ? 44  ? f_chiral_restr     ? ? 
'X-RAY DIFFRACTION' ? 0.0210  ? 26  ? f_plane_restr      ? ? 
'X-RAY DIFFRACTION' ? 16.4557 ? 70  ? f_dihedral_angle_d ? ? 
# 
loop_
_refine_ls_shell.pdbx_refine_id 
_refine_ls_shell.d_res_high 
_refine_ls_shell.d_res_low 
_refine_ls_shell.number_reflns_all 
_refine_ls_shell.number_reflns_obs 
_refine_ls_shell.number_reflns_R_free 
_refine_ls_shell.number_reflns_R_work 
_refine_ls_shell.percent_reflns_obs 
_refine_ls_shell.percent_reflns_R_free 
_refine_ls_shell.R_factor_all 
_refine_ls_shell.R_factor_obs 
_refine_ls_shell.R_factor_R_free 
_refine_ls_shell.R_factor_R_free_error 
_refine_ls_shell.R_factor_R_work 
_refine_ls_shell.redundancy_reflns_all 
_refine_ls_shell.redundancy_reflns_obs 
_refine_ls_shell.wR_factor_all 
_refine_ls_shell.wR_factor_obs 
_refine_ls_shell.wR_factor_R_free 
_refine_ls_shell.wR_factor_R_work 
_refine_ls_shell.pdbx_R_complete 
_refine_ls_shell.pdbx_total_number_of_bins_used 
_refine_ls_shell.pdbx_phase_error 
_refine_ls_shell.pdbx_fsc_work 
_refine_ls_shell.pdbx_fsc_free 
'X-RAY DIFFRACTION' 0.95 1.01  . . 144 2358 99.80 . . . 0.2179 . 0.1824 . . . . . . . . . . . 
'X-RAY DIFFRACTION' 1.01 1.09  . . 100 2369 99.68 . . . 0.1505 . 0.1372 . . . . . . . . . . . 
'X-RAY DIFFRACTION' 1.09 1.20  . . 134 2368 99.72 . . . 0.1428 . 0.1186 . . . . . . . . . . . 
'X-RAY DIFFRACTION' 1.20 1.37  . . 129 2385 99.80 . . . 0.1492 . 0.1310 . . . . . . . . . . . 
'X-RAY DIFFRACTION' 1.37 1.73  . . 153 2401 99.88 . . . 0.1571 . 0.1504 . . . . . . . . . . . 
'X-RAY DIFFRACTION' 1.73 21.82 . . 160 2515 99.96 . . . 0.1458 . 0.1504 . . . . . . . . . . . 
# 
_struct.entry_id                     7LTB 
_struct.title                        'Crystal Structure of Keratinicyclin B' 
_struct.pdbx_model_details           ? 
_struct.pdbx_formula_weight          ? 
_struct.pdbx_formula_weight_method   ? 
_struct.pdbx_model_type_details      ? 
_struct.pdbx_CASP_flag               N 
# 
_struct_keywords.entry_id        7LTB 
_struct_keywords.text            'Glycopeptide, Antibiotic, ACTINOMYCETE, BIOSYNTHESIS' 
_struct_keywords.pdbx_keywords   ANTIBIOTIC 
# 
loop_
_struct_asym.id 
_struct_asym.pdbx_blank_PDB_chainid_flag 
_struct_asym.pdbx_modified 
_struct_asym.entity_id 
_struct_asym.details 
A N N 1 ? 
B N N 1 ? 
C N N 2 ? 
D N N 2 ? 
E N N 3 ? 
F N N 4 ? 
G N N 3 ? 
H N N 4 ? 
I N N 5 ? 
J N N 6 ? 
K N N 6 ? 
# 
_struct_ref.id                         1 
_struct_ref.db_name                    PDB 
_struct_ref.db_code                    7LTB 
_struct_ref.pdbx_db_accession          7LTB 
_struct_ref.pdbx_db_isoform            ? 
_struct_ref.entity_id                  1 
_struct_ref.pdbx_seq_one_letter_code   ? 
_struct_ref.pdbx_align_begin           1 
# 
loop_
_struct_ref_seq.align_id 
_struct_ref_seq.ref_id 
_struct_ref_seq.pdbx_PDB_id_code 
_struct_ref_seq.pdbx_strand_id 
_struct_ref_seq.seq_align_beg 
_struct_ref_seq.pdbx_seq_align_beg_ins_code 
_struct_ref_seq.seq_align_end 
_struct_ref_seq.pdbx_seq_align_end_ins_code 
_struct_ref_seq.pdbx_db_accession 
_struct_ref_seq.db_align_beg 
_struct_ref_seq.pdbx_db_align_beg_ins_code 
_struct_ref_seq.db_align_end 
_struct_ref_seq.pdbx_db_align_end_ins_code 
_struct_ref_seq.pdbx_auth_seq_align_beg 
_struct_ref_seq.pdbx_auth_seq_align_end 
1 1 7LTB A 1 ? 6 ? 7LTB 2 ? 7 ? 2 7 
2 1 7LTB B 1 ? 6 ? 7LTB 2 ? 7 ? 2 7 
# 
loop_
_pdbx_struct_assembly.id 
_pdbx_struct_assembly.details 
_pdbx_struct_assembly.method_details 
_pdbx_struct_assembly.oligomeric_details 
_pdbx_struct_assembly.oligomeric_count 
1 author_defined_assembly ? monomeric 1 
2 author_defined_assembly ? monomeric 1 
# 
loop_
_pdbx_struct_assembly_gen.assembly_id 
_pdbx_struct_assembly_gen.oper_expression 
_pdbx_struct_assembly_gen.asym_id_list 
1 1 A,C,E,F,J   
2 1 B,D,G,H,I,K 
# 
loop_
_pdbx_struct_assembly_auth_evidence.id 
_pdbx_struct_assembly_auth_evidence.assembly_id 
_pdbx_struct_assembly_auth_evidence.experimental_support 
_pdbx_struct_assembly_auth_evidence.details 
1 1 none 
;CD studies indicate that the glycopeptide is a monomer at in vivo concentrations, but self-associates under crystallization conditions
;
2 2 none 
;CD studies indicate that the glycopeptide is a monomer at in vivo concentrations, but self-associates under crystallization conditions
;
# 
_pdbx_struct_oper_list.id                   1 
_pdbx_struct_oper_list.type                 'identity operation' 
_pdbx_struct_oper_list.name                 1_555 
_pdbx_struct_oper_list.symmetry_operation   x,y,z 
_pdbx_struct_oper_list.matrix[1][1]         1.0000000000 
_pdbx_struct_oper_list.matrix[1][2]         0.0000000000 
_pdbx_struct_oper_list.matrix[1][3]         0.0000000000 
_pdbx_struct_oper_list.vector[1]            0.0000000000 
_pdbx_struct_oper_list.matrix[2][1]         0.0000000000 
_pdbx_struct_oper_list.matrix[2][2]         1.0000000000 
_pdbx_struct_oper_list.matrix[2][3]         0.0000000000 
_pdbx_struct_oper_list.vector[2]            0.0000000000 
_pdbx_struct_oper_list.matrix[3][1]         0.0000000000 
_pdbx_struct_oper_list.matrix[3][2]         0.0000000000 
_pdbx_struct_oper_list.matrix[3][3]         1.0000000000 
_pdbx_struct_oper_list.vector[3]            0.0000000000 
# 
loop_
_struct_conn.id 
_struct_conn.conn_type_id 
_struct_conn.pdbx_leaving_atom_flag 
_struct_conn.pdbx_PDB_id 
_struct_conn.ptnr1_label_asym_id 
_struct_conn.ptnr1_label_comp_id 
_struct_conn.ptnr1_label_seq_id 
_struct_conn.ptnr1_label_atom_id 
_struct_conn.pdbx_ptnr1_label_alt_id 
_struct_conn.pdbx_ptnr1_PDB_ins_code 
_struct_conn.pdbx_ptnr1_standard_comp_id 
_struct_conn.ptnr1_symmetry 
_struct_conn.ptnr2_label_asym_id 
_struct_conn.ptnr2_label_comp_id 
_struct_conn.ptnr2_label_seq_id 
_struct_conn.ptnr2_label_atom_id 
_struct_conn.pdbx_ptnr2_label_alt_id 
_struct_conn.pdbx_ptnr2_PDB_ins_code 
_struct_conn.ptnr1_auth_asym_id 
_struct_conn.ptnr1_auth_comp_id 
_struct_conn.ptnr1_auth_seq_id 
_struct_conn.ptnr2_auth_asym_id 
_struct_conn.ptnr2_auth_comp_id 
_struct_conn.ptnr2_auth_seq_id 
_struct_conn.ptnr2_symmetry 
_struct_conn.pdbx_ptnr3_label_atom_id 
_struct_conn.pdbx_ptnr3_label_seq_id 
_struct_conn.pdbx_ptnr3_label_comp_id 
_struct_conn.pdbx_ptnr3_label_asym_id 
_struct_conn.pdbx_ptnr3_label_alt_id 
_struct_conn.pdbx_ptnr3_PDB_ins_code 
_struct_conn.details 
_struct_conn.pdbx_dist_value 
_struct_conn.pdbx_value_order 
_struct_conn.pdbx_role 
covale1  covale both ? A HT0 1 C   ? ? ? 1_555 A PHE 2 N   ? ? A HT0 2 A PHE 3   1_555 ? ? ? ? ? ? ? 1.329 ?    ? 
covale2  covale one  ? A HT0 1 OH  ? ? ? 1_555 A GHP 3 C3  ? ? A HT0 2 A GHP 4   1_555 ? ? ? ? ? ? ? 1.381 ?    ? 
covale3  covale both ? A PHE 2 C   ? ? ? 1_555 A GHP 3 N   ? ? A PHE 3 A GHP 4   1_555 ? ? ? ? ? ? ? 1.330 ?    ? 
covale4  covale both ? A GHP 3 C   ? ? ? 1_555 A GHP 4 N   ? ? A GHP 4 A GHP 5   1_555 ? ? ? ? ? ? ? 1.325 ?    ? 
covale5  covale none ? A GHP 3 C5  ? ? ? 1_555 A OMY 5 OCZ ? ? A GHP 4 A OMY 6   1_555 ? ? ? ? ? ? ? 1.376 ?    ? 
covale6  covale one  ? A GHP 3 O4  ? ? ? 1_555 C BGC . C1  ? ? A GHP 4 F BGC 1   1_555 ? ? ? ? ? ? ? 1.375 sing ? 
covale7  covale both ? A GHP 4 C   ? ? ? 1_555 A OMY 5 N   ? ? A GHP 5 A OMY 6   1_555 ? ? ? ? ? ? ? 1.330 ?    ? 
covale8  covale one  ? A GHP 4 C3  ? ? ? 1_555 A 3FG 6 CG1 ? ? A GHP 5 A 3FG 7   1_555 ? ? ? ? ? ? ? 1.495 ?    ? 
covale9  covale both ? A OMY 5 C   ? ? ? 1_555 A 3FG 6 N   ? ? A OMY 6 A 3FG 7   1_555 ? ? ? ? ? ? ? 1.337 ?    ? 
covale10 covale one  ? A OMY 5 ODE ? ? ? 1_555 F YBJ . C1  ? ? A OMY 6 A YBJ 102 1_555 ? ? ? ? ? ? ? 1.376 ?    ? 
covale11 covale one  ? A 3FG 6 OD1 ? ? ? 1_555 E MAN . C1  ? ? A 3FG 7 A MAN 101 1_555 ? ? ? ? ? ? ? 1.379 sing ? 
covale12 covale both ? B HT0 1 C   ? ? ? 1_555 B PHE 2 N   ? ? B HT0 2 B PHE 3   1_555 ? ? ? ? ? ? ? 1.331 ?    ? 
covale13 covale one  ? B HT0 1 OH  ? ? ? 1_555 B GHP 3 C3  ? ? B HT0 2 B GHP 4   1_555 ? ? ? ? ? ? ? 1.375 ?    ? 
covale14 covale both ? B PHE 2 C   ? ? ? 1_555 B GHP 3 N   ? ? B PHE 3 B GHP 4   1_555 ? ? ? ? ? ? ? 1.330 ?    ? 
covale15 covale both ? B GHP 3 C   ? ? ? 1_555 B GHP 4 N   ? ? B GHP 4 B GHP 5   1_555 ? ? ? ? ? ? ? 1.318 ?    ? 
covale16 covale none ? B GHP 3 C5  ? ? ? 1_555 B OMY 5 OCZ ? ? B GHP 4 B OMY 6   1_555 ? ? ? ? ? ? ? 1.381 ?    ? 
covale17 covale one  ? B GHP 3 O4  ? ? ? 1_555 D BGC . C1  ? ? B GHP 4 J BGC 1   1_555 ? ? ? ? ? ? ? 1.379 sing ? 
covale18 covale both ? B GHP 4 C   ? ? ? 1_555 B OMY 5 N   ? ? B GHP 5 B OMY 6   1_555 ? ? ? ? ? ? ? 1.327 ?    ? 
covale19 covale one  ? B GHP 4 C3  ? ? ? 1_555 B 3FG 6 CG1 ? ? B GHP 5 B 3FG 7   1_555 ? ? ? ? ? ? ? 1.492 ?    ? 
covale20 covale both ? B OMY 5 C   ? ? ? 1_555 B 3FG 6 N   ? ? B OMY 6 B 3FG 7   1_555 ? ? ? ? ? ? ? 1.342 ?    ? 
covale21 covale one  ? B OMY 5 ODE ? ? ? 1_555 H YBJ . C1  ? ? B OMY 6 B YBJ 102 1_555 ? ? ? ? ? ? ? 1.379 ?    ? 
covale22 covale one  ? B 3FG 6 OD1 ? ? ? 1_555 G MAN . C1  ? ? B 3FG 7 B MAN 101 1_555 ? ? ? ? ? ? ? 1.381 sing ? 
covale23 covale both ? C BGC . O2  ? ? ? 1_555 C Z6G . C1  ? ? F BGC 1 F Z6G 2   1_555 ? ? ? ? ? ? ? 1.373 ?    ? 
covale24 covale both ? D BGC . O2  ? ? ? 1_555 D Z6G . C1  ? ? J BGC 1 J Z6G 2   1_555 ? ? ? ? ? ? ? 1.374 ?    ? 
# 
_struct_conn_type.id          covale 
_struct_conn_type.criteria    ? 
_struct_conn_type.reference   ? 
# 
loop_
_struct_mon_prot_cis.pdbx_id 
_struct_mon_prot_cis.label_comp_id 
_struct_mon_prot_cis.label_seq_id 
_struct_mon_prot_cis.label_asym_id 
_struct_mon_prot_cis.label_alt_id 
_struct_mon_prot_cis.pdbx_PDB_ins_code 
_struct_mon_prot_cis.auth_comp_id 
_struct_mon_prot_cis.auth_seq_id 
_struct_mon_prot_cis.auth_asym_id 
_struct_mon_prot_cis.pdbx_label_comp_id_2 
_struct_mon_prot_cis.pdbx_label_seq_id_2 
_struct_mon_prot_cis.pdbx_label_asym_id_2 
_struct_mon_prot_cis.pdbx_PDB_ins_code_2 
_struct_mon_prot_cis.pdbx_auth_comp_id_2 
_struct_mon_prot_cis.pdbx_auth_seq_id_2 
_struct_mon_prot_cis.pdbx_auth_asym_id_2 
_struct_mon_prot_cis.pdbx_PDB_model_num 
_struct_mon_prot_cis.pdbx_omega_angle 
1 GHP 4 A . ? GHP 5 A OMY 5 A ? OMY 6 A 1 9.67 
2 GHP 4 B . ? GHP 5 B OMY 5 B ? OMY 6 B 1 9.55 
# 
loop_
_pdbx_validate_torsion.id 
_pdbx_validate_torsion.PDB_model_num 
_pdbx_validate_torsion.auth_comp_id 
_pdbx_validate_torsion.auth_asym_id 
_pdbx_validate_torsion.auth_seq_id 
_pdbx_validate_torsion.PDB_ins_code 
_pdbx_validate_torsion.label_alt_id 
_pdbx_validate_torsion.phi 
_pdbx_validate_torsion.psi 
1 1 PHE A 3 ? ? -101.56 -63.03 
2 1 PHE B 3 ? ? -102.02 -71.23 
# 
loop_
_space_group_symop.id 
_space_group_symop.operation_xyz 
1 x,y,z           
2 x+1/2,-y+1/2,-z 
3 -x,y+1/2,-z+1/2 
4 -x+1/2,-y,z+1/2 
# 
_phasing.method   MR 
# 
_pdbx_entry_details.entry_id                 7LTB 
_pdbx_entry_details.has_ligand_of_interest   Y 
_pdbx_entry_details.compound_details         ? 
_pdbx_entry_details.source_details           ? 
_pdbx_entry_details.nonpolymer_details       ? 
_pdbx_entry_details.sequence_details         ? 
# 
loop_
_chem_comp_atom.comp_id 
_chem_comp_atom.atom_id 
_chem_comp_atom.type_symbol 
_chem_comp_atom.pdbx_aromatic_flag 
_chem_comp_atom.pdbx_stereo_config 
_chem_comp_atom.pdbx_ordinal 
3FG N      N  N N 1   
3FG OD1    O  N N 2   
3FG CD1    C  Y N 3   
3FG CG1    C  Y N 4   
3FG CZ     C  Y N 5   
3FG CD2    C  Y N 6   
3FG OD2    O  N N 7   
3FG CG2    C  Y N 8   
3FG CB     C  Y N 9   
3FG CA     C  N S 10  
3FG C      C  N N 11  
3FG O      O  N N 12  
3FG OXT    O  N N 13  
3FG H      H  N N 14  
3FG H2     H  N N 15  
3FG HA     H  N N 16  
3FG HD1    H  N N 17  
3FG HG1    H  N N 18  
3FG HZ     H  N N 19  
3FG HD2    H  N N 20  
3FG HG2    H  N N 21  
3FG HXT    H  N N 22  
BGC C2     C  N R 23  
BGC C3     C  N S 24  
BGC C4     C  N S 25  
BGC C5     C  N R 26  
BGC C6     C  N N 27  
BGC C1     C  N R 28  
BGC O1     O  N N 29  
BGC O2     O  N N 30  
BGC O3     O  N N 31  
BGC O4     O  N N 32  
BGC O5     O  N N 33  
BGC O6     O  N N 34  
BGC H2     H  N N 35  
BGC H3     H  N N 36  
BGC H4     H  N N 37  
BGC H5     H  N N 38  
BGC H61    H  N N 39  
BGC H62    H  N N 40  
BGC H1     H  N N 41  
BGC HO1    H  N N 42  
BGC HO2    H  N N 43  
BGC HO3    H  N N 44  
BGC HO4    H  N N 45  
BGC HO6    H  N N 46  
FMT C      C  N N 47  
FMT O1     O  N N 48  
FMT O2     O  N N 49  
FMT H      H  N N 50  
FMT HO2    H  N N 51  
GHP N      N  N N 52  
GHP CA     C  N R 53  
GHP C      C  N N 54  
GHP O      O  N N 55  
GHP OXT    O  N N 56  
GHP C1     C  Y N 57  
GHP C2     C  Y N 58  
GHP C3     C  Y N 59  
GHP C4     C  Y N 60  
GHP O4     O  N N 61  
GHP C5     C  Y N 62  
GHP C6     C  Y N 63  
GHP H      H  N N 64  
GHP H2     H  N N 65  
GHP HA     H  N N 66  
GHP HXT    H  N N 67  
GHP HC2    H  N N 68  
GHP H3     H  N N 69  
GHP HO4    H  N N 70  
GHP H5     H  N N 71  
GHP H6     H  N N 72  
HOH O      O  N N 73  
HOH H1     H  N N 74  
HOH H2     H  N N 75  
HT0 N      N  N N 76  
HT0 CA     C  N R 77  
HT0 C      C  N N 78  
HT0 O      O  N N 79  
HT0 CB     C  N R 80  
HT0 OB     O  N N 81  
HT0 CG     C  Y N 82  
HT0 CD1    C  Y N 83  
HT0 CD2    C  Y N 84  
HT0 CE1    C  Y N 85  
HT0 CE2    C  Y N 86  
HT0 CZ     C  Y N 87  
HT0 OH     O  N N 88  
HT0 C1     C  N N 89  
HT0 O2     O  N N 90  
HT0 H      H  N N 91  
HT0 HA     H  N N 92  
HT0 HXT    H  N N 93  
HT0 HB     H  N N 94  
HT0 HD1    H  N N 95  
HT0 HD2    H  N N 96  
HT0 HE1    H  N N 97  
HT0 HE2    H  N N 98  
HT0 H1     H  N N 99  
HT0 OXT    O  N N 100 
MAN C1     C  N S 101 
MAN C2     C  N S 102 
MAN C3     C  N S 103 
MAN C4     C  N S 104 
MAN C5     C  N R 105 
MAN C6     C  N N 106 
MAN O1     O  N N 107 
MAN O2     O  N N 108 
MAN O3     O  N N 109 
MAN O4     O  N N 110 
MAN O5     O  N N 111 
MAN O6     O  N N 112 
MAN H1     H  N N 113 
MAN H2     H  N N 114 
MAN H3     H  N N 115 
MAN H4     H  N N 116 
MAN H5     H  N N 117 
MAN H61    H  N N 118 
MAN H62    H  N N 119 
MAN HO1    H  N N 120 
MAN HO2    H  N N 121 
MAN HO3    H  N N 122 
MAN HO4    H  N N 123 
MAN HO6    H  N N 124 
OMY N      N  N N 125 
OMY CA     C  N S 126 
OMY OCZ    O  N N 127 
OMY CE2    C  Y N 128 
OMY CE1    C  Y N 129 
OMY CZ     C  Y N 130 
OMY CG     C  Y N 131 
OMY CD2    C  Y N 132 
OMY CD1    C  Y N 133 
OMY CB     C  N R 134 
OMY CL     CL N N 135 
OMY O      O  N N 136 
OMY C      C  N N 137 
OMY ODE    O  N N 138 
OMY OXT    O  N N 139 
OMY H      H  N N 140 
OMY H2     H  N N 141 
OMY HA     H  N N 142 
OMY HCZ    H  N N 143 
OMY HE2    H  N N 144 
OMY HD2    H  N N 145 
OMY HD1    H  N N 146 
OMY HB     H  N N 147 
OMY HXT    H  N N 148 
OMY HDE    H  N N 149 
PHE N      N  N N 150 
PHE CA     C  N S 151 
PHE C      C  N N 152 
PHE O      O  N N 153 
PHE CB     C  N N 154 
PHE CG     C  Y N 155 
PHE CD1    C  Y N 156 
PHE CD2    C  Y N 157 
PHE CE1    C  Y N 158 
PHE CE2    C  Y N 159 
PHE CZ     C  Y N 160 
PHE OXT    O  N N 161 
PHE H      H  N N 162 
PHE H2     H  N N 163 
PHE HA     H  N N 164 
PHE HB2    H  N N 165 
PHE HB3    H  N N 166 
PHE HD1    H  N N 167 
PHE HD2    H  N N 168 
PHE HE1    H  N N 169 
PHE HE2    H  N N 170 
PHE HZ     H  N N 171 
PHE HXT    H  N N 172 
YBJ C1     C  N R 173 
YBJ C2     C  N N 174 
YBJ C3     C  N S 175 
YBJ C4     C  N R 176 
YBJ C5     C  N S 177 
YBJ N      N  N N 178 
YBJ C      C  N N 179 
YBJ O      O  N N 180 
YBJ C6     C  N N 181 
YBJ O2     O  N N 182 
YBJ H9     H  N N 183 
YBJ H8     H  N N 184 
YBJ H7     H  N N 185 
YBJ H2     H  N N 186 
YBJ H1     H  N N 187 
YBJ H      H  N N 188 
YBJ H10    H  N N 189 
YBJ H11    H  N N 190 
YBJ H4     H  N N 191 
YBJ H6     H  N N 192 
YBJ H5     H  N N 193 
YBJ H13    H  N N 194 
YBJ H12    H  N N 195 
YBJ H14    H  N N 196 
YBJ O1     O  N N 197 
YBJ H3     H  N N 198 
Z6G O1     O  N N 199 
Z6G C1     C  N R 200 
Z6G C2     C  N N 201 
Z6G C3     C  N S 202 
Z6G C4     C  N R 203 
Z6G C5     C  N S 204 
Z6G C6     C  N N 205 
Z6G O2     O  N N 206 
Z6G O3     O  N N 207 
Z6G N1     N  N N 208 
Z6G H1O    H  N N 209 
Z6G H11    H  N N 210 
Z6G H21    H  N N 211 
Z6G H22    H  N N 212 
Z6G H31    H  N N 213 
Z6G H41    H  N N 214 
Z6G H51    H  N N 215 
Z6G H61    H  N N 216 
Z6G H62    H  N N 217 
Z6G H63    H  N N 218 
Z6G H2O    H  N N 219 
Z6G H11N   H  N N 220 
Z6G H12N   H  N N 221 
Z6G "HN'3" H  N N 222 
# 
loop_
_chem_comp_bond.comp_id 
_chem_comp_bond.atom_id_1 
_chem_comp_bond.atom_id_2 
_chem_comp_bond.value_order 
_chem_comp_bond.pdbx_aromatic_flag 
_chem_comp_bond.pdbx_stereo_config 
_chem_comp_bond.pdbx_ordinal 
3FG N   CA     sing N N 1   
3FG OD1 CD1    sing N N 2   
3FG CD1 CG1    sing Y N 3   
3FG CD1 CZ     doub Y N 4   
3FG CG1 CB     doub Y N 5   
3FG CZ  CD2    sing Y N 6   
3FG CD2 OD2    sing N N 7   
3FG CD2 CG2    doub Y N 8   
3FG CG2 CB     sing Y N 9   
3FG CB  CA     sing N N 10  
3FG CA  C      sing N N 11  
3FG C   O      doub N N 12  
3FG C   OXT    sing N N 13  
3FG N   H      sing N N 14  
3FG N   H2     sing N N 15  
3FG CA  HA     sing N N 16  
3FG OD1 HD1    sing N N 17  
3FG CG1 HG1    sing N N 18  
3FG CZ  HZ     sing N N 19  
3FG OD2 HD2    sing N N 20  
3FG CG2 HG2    sing N N 21  
3FG OXT HXT    sing N N 22  
BGC C2  C3     sing N N 23  
BGC C2  C1     sing N N 24  
BGC C2  O2     sing N N 25  
BGC C2  H2     sing N N 26  
BGC C3  C4     sing N N 27  
BGC C3  O3     sing N N 28  
BGC C3  H3     sing N N 29  
BGC C4  C5     sing N N 30  
BGC C4  O4     sing N N 31  
BGC C4  H4     sing N N 32  
BGC C5  C6     sing N N 33  
BGC C5  O5     sing N N 34  
BGC C5  H5     sing N N 35  
BGC C6  O6     sing N N 36  
BGC C6  H61    sing N N 37  
BGC C6  H62    sing N N 38  
BGC C1  O1     sing N N 39  
BGC C1  O5     sing N N 40  
BGC C1  H1     sing N N 41  
BGC O1  HO1    sing N N 42  
BGC O2  HO2    sing N N 43  
BGC O3  HO3    sing N N 44  
BGC O4  HO4    sing N N 45  
BGC O6  HO6    sing N N 46  
FMT C   O1     doub N N 47  
FMT C   O2     sing N N 48  
FMT C   H      sing N N 49  
FMT O2  HO2    sing N N 50  
GHP N   CA     sing N N 51  
GHP N   H      sing N N 52  
GHP N   H2     sing N N 53  
GHP CA  C      sing N N 54  
GHP CA  C1     sing N N 55  
GHP CA  HA     sing N N 56  
GHP C   O      doub N N 57  
GHP C   OXT    sing N N 58  
GHP OXT HXT    sing N N 59  
GHP C1  C2     doub Y N 60  
GHP C1  C6     sing Y N 61  
GHP C2  C3     sing Y N 62  
GHP C2  HC2    sing N N 63  
GHP C3  C4     doub Y N 64  
GHP C3  H3     sing N N 65  
GHP C4  O4     sing N N 66  
GHP C4  C5     sing Y N 67  
GHP O4  HO4    sing N N 68  
GHP C5  C6     doub Y N 69  
GHP C5  H5     sing N N 70  
GHP C6  H6     sing N N 71  
HOH O   H1     sing N N 72  
HOH O   H2     sing N N 73  
HT0 OH  CZ     sing N N 74  
HT0 CE1 CZ     doub Y N 75  
HT0 CE1 CD1    sing Y N 76  
HT0 CZ  CE2    sing Y N 77  
HT0 CD1 CG     doub Y N 78  
HT0 O2  C1     doub N N 79  
HT0 C1  N      sing N N 80  
HT0 C1  OB     sing N N 81  
HT0 CE2 CD2    doub Y N 82  
HT0 CG  CD2    sing Y N 83  
HT0 CG  CB     sing N N 84  
HT0 N   CA     sing N N 85  
HT0 OB  CB     sing N N 86  
HT0 CB  CA     sing N N 87  
HT0 CA  C      sing N N 88  
HT0 C   O      doub N N 89  
HT0 N   H      sing N N 90  
HT0 CA  HA     sing N N 91  
HT0 CB  HB     sing N N 92  
HT0 CD1 HD1    sing N N 93  
HT0 CD2 HD2    sing N N 94  
HT0 CE1 HE1    sing N N 95  
HT0 CE2 HE2    sing N N 96  
HT0 OH  H1     sing N N 97  
HT0 C   OXT    sing N N 98  
HT0 OXT HXT    sing N N 99  
MAN C1  C2     sing N N 100 
MAN C1  O1     sing N N 101 
MAN C1  O5     sing N N 102 
MAN C1  H1     sing N N 103 
MAN C2  C3     sing N N 104 
MAN C2  O2     sing N N 105 
MAN C2  H2     sing N N 106 
MAN C3  C4     sing N N 107 
MAN C3  O3     sing N N 108 
MAN C3  H3     sing N N 109 
MAN C4  C5     sing N N 110 
MAN C4  O4     sing N N 111 
MAN C4  H4     sing N N 112 
MAN C5  C6     sing N N 113 
MAN C5  O5     sing N N 114 
MAN C5  H5     sing N N 115 
MAN C6  O6     sing N N 116 
MAN C6  H61    sing N N 117 
MAN C6  H62    sing N N 118 
MAN O1  HO1    sing N N 119 
MAN O2  HO2    sing N N 120 
MAN O3  HO3    sing N N 121 
MAN O4  HO4    sing N N 122 
MAN O6  HO6    sing N N 123 
OMY N   CA     sing N N 124 
OMY OCZ CZ     sing N N 125 
OMY CZ  CE2    sing Y N 126 
OMY CZ  CE1    doub Y N 127 
OMY CE2 CD2    doub Y N 128 
OMY CD2 CG     sing Y N 129 
OMY CG  CD1    doub Y N 130 
OMY CG  CB     sing N N 131 
OMY CD1 CE1    sing Y N 132 
OMY CE1 CL     sing N N 133 
OMY C   O      doub N N 134 
OMY C   CA     sing N N 135 
OMY C   OXT    sing N N 136 
OMY CA  CB     sing N N 137 
OMY CB  ODE    sing N N 138 
OMY N   H      sing N N 139 
OMY N   H2     sing N N 140 
OMY CA  HA     sing N N 141 
OMY OCZ HCZ    sing N N 142 
OMY CE2 HE2    sing N N 143 
OMY CD2 HD2    sing N N 144 
OMY CD1 HD1    sing N N 145 
OMY CB  HB     sing N N 146 
OMY OXT HXT    sing N N 147 
OMY ODE HDE    sing N N 148 
PHE N   CA     sing N N 149 
PHE N   H      sing N N 150 
PHE N   H2     sing N N 151 
PHE CA  C      sing N N 152 
PHE CA  CB     sing N N 153 
PHE CA  HA     sing N N 154 
PHE C   O      doub N N 155 
PHE C   OXT    sing N N 156 
PHE CB  CG     sing N N 157 
PHE CB  HB2    sing N N 158 
PHE CB  HB3    sing N N 159 
PHE CG  CD1    doub Y N 160 
PHE CG  CD2    sing Y N 161 
PHE CD1 CE1    sing Y N 162 
PHE CD1 HD1    sing N N 163 
PHE CD2 CE2    doub Y N 164 
PHE CD2 HD2    sing N N 165 
PHE CE1 CZ     doub Y N 166 
PHE CE1 HE1    sing N N 167 
PHE CE2 CZ     sing Y N 168 
PHE CE2 HE2    sing N N 169 
PHE CZ  HZ     sing N N 170 
PHE OXT HXT    sing N N 171 
YBJ C   C5     sing N N 172 
YBJ O   C5     sing N N 173 
YBJ O   C1     sing N N 174 
YBJ C5  C4     sing N N 175 
YBJ C6  O2     sing N N 176 
YBJ C4  O2     sing N N 177 
YBJ C4  C3     sing N N 178 
YBJ C1  C2     sing N N 179 
YBJ C2  C3     sing N N 180 
YBJ C3  N      sing N N 181 
YBJ C1  H9     sing N N 182 
YBJ C2  H8     sing N N 183 
YBJ C2  H7     sing N N 184 
YBJ C3  H2     sing N N 185 
YBJ C4  H1     sing N N 186 
YBJ C5  H      sing N N 187 
YBJ N   H10    sing N N 188 
YBJ N   H11    sing N N 189 
YBJ C   H4     sing N N 190 
YBJ C   H6     sing N N 191 
YBJ C   H5     sing N N 192 
YBJ C6  H13    sing N N 193 
YBJ C6  H12    sing N N 194 
YBJ C6  H14    sing N N 195 
YBJ C1  O1     sing N N 196 
YBJ O1  H3     sing N N 197 
Z6G O1  C1     sing N N 198 
Z6G C1  C2     sing N N 199 
Z6G C1  O3     sing N N 200 
Z6G C1  H11    sing N N 201 
Z6G C2  C3     sing N N 202 
Z6G C2  H21    sing N N 203 
Z6G C2  H22    sing N N 204 
Z6G C3  C4     sing N N 205 
Z6G C3  N1     sing N N 206 
Z6G C3  H31    sing N N 207 
Z6G C4  C5     sing N N 208 
Z6G C4  O2     sing N N 209 
Z6G C4  H41    sing N N 210 
Z6G C5  C6     sing N N 211 
Z6G C5  O3     sing N N 212 
Z6G C5  H51    sing N N 213 
Z6G C6  H61    sing N N 214 
Z6G C6  H62    sing N N 215 
Z6G C6  H63    sing N N 216 
Z6G O2  H2O    sing N N 217 
Z6G N1  H11N   sing N N 218 
Z6G N1  H12N   sing N N 219 
Z6G N1  "HN'3" sing N N 220 
Z6G H1O O1     sing N N 221 
# 
loop_
_pdbx_audit_support.funding_organization 
_pdbx_audit_support.country 
_pdbx_audit_support.grant_number 
_pdbx_audit_support.ordinal 
'National Institutes of Health/National Institute of General Medical Sciences (NIH/NIGMS)' 'United States' R01GM129496  1 
'National Institutes of Health/National Institute of General Medical Sciences (NIH/NIGMS)' 'United States' 4R00GM129460 2 
# 
loop_
_pdbx_entity_branch_list.entity_id 
_pdbx_entity_branch_list.comp_id 
_pdbx_entity_branch_list.num 
_pdbx_entity_branch_list.hetero 
2 BGC 1 n 
2 Z6G 2 n 
# 
loop_
_pdbx_entity_instance_feature.ordinal 
_pdbx_entity_instance_feature.comp_id 
_pdbx_entity_instance_feature.asym_id 
_pdbx_entity_instance_feature.seq_num 
_pdbx_entity_instance_feature.auth_comp_id 
_pdbx_entity_instance_feature.auth_asym_id 
_pdbx_entity_instance_feature.auth_seq_num 
_pdbx_entity_instance_feature.feature_type 
_pdbx_entity_instance_feature.details 
1 3FG ? ? 3FG ? ? 'SUBJECT OF INVESTIGATION' ? 
2 BGC ? ? BGC ? ? 'SUBJECT OF INVESTIGATION' ? 
3 YBJ ? ? YBJ ? ? 'SUBJECT OF INVESTIGATION' ? 
4 FMT ? ? FMT ? ? 'SUBJECT OF INVESTIGATION' ? 
5 GHP ? ? GHP ? ? 'SUBJECT OF INVESTIGATION' ? 
6 HT0 ? ? HT0 ? ? 'SUBJECT OF INVESTIGATION' ? 
7 MAN ? ? MAN ? ? 'SUBJECT OF INVESTIGATION' ? 
8 OMY ? ? OMY ? ? 'SUBJECT OF INVESTIGATION' ? 
9 Z6G ? ? Z6G ? ? 'SUBJECT OF INVESTIGATION' ? 
# 
_pdbx_initial_refinement_model.id               1 
_pdbx_initial_refinement_model.entity_id_list   ? 
_pdbx_initial_refinement_model.type             'experimental model' 
_pdbx_initial_refinement_model.source_name      PDB 
_pdbx_initial_refinement_model.accession_code   7LKC 
_pdbx_initial_refinement_model.details          ? 
# 
_space_group.name_H-M_alt     'P 21 21 21' 
_space_group.name_Hall        'P 2ac 2ab' 
_space_group.IT_number        19 
_space_group.crystal_system   orthorhombic 
_space_group.id               1 
# 
_atom_sites.entry_id                    7LTB 
_atom_sites.Cartn_transf_matrix[1][1]   ? 
_atom_sites.Cartn_transf_matrix[1][2]   ? 
_atom_sites.Cartn_transf_matrix[1][3]   ? 
_atom_sites.Cartn_transf_matrix[2][1]   ? 
_atom_sites.Cartn_transf_matrix[2][2]   ? 
_atom_sites.Cartn_transf_matrix[2][3]   ? 
_atom_sites.Cartn_transf_matrix[3][1]   ? 
_atom_sites.Cartn_transf_matrix[3][2]   ? 
_atom_sites.Cartn_transf_matrix[3][3]   ? 
_atom_sites.Cartn_transf_vector[1]      ? 
_atom_sites.Cartn_transf_vector[2]      ? 
_atom_sites.Cartn_transf_vector[3]      ? 
_atom_sites.fract_transf_matrix[1][1]   -0.00193471 
_atom_sites.fract_transf_matrix[1][2]   0.03346987 
_atom_sites.fract_transf_matrix[1][3]   -0.02381785 
_atom_sites.fract_transf_matrix[2][1]   -0.03063850 
_atom_sites.fract_transf_matrix[2][2]   0.00692829 
_atom_sites.fract_transf_matrix[2][3]   0.01222469 
_atom_sites.fract_transf_matrix[3][1]   0.01285993 
_atom_sites.fract_transf_matrix[3][2]   0.01687392 
_atom_sites.fract_transf_matrix[3][3]   0.02266736 
_atom_sites.fract_transf_vector[1]      0.020970 
_atom_sites.fract_transf_vector[2]      -0.251910 
_atom_sites.fract_transf_vector[3]      -0.091196 
_atom_sites.solution_primary            ? 
_atom_sites.solution_secondary          ? 
_atom_sites.solution_hydrogens          ? 
_atom_sites.special_details             ? 
# 
loop_
_atom_type.symbol 
_atom_type.scat_dispersion_real 
_atom_type.scat_dispersion_imag 
_atom_type.scat_Cromer_Mann_a1 
_atom_type.scat_Cromer_Mann_a2 
_atom_type.scat_Cromer_Mann_a3 
_atom_type.scat_Cromer_Mann_a4 
_atom_type.scat_Cromer_Mann_b1 
_atom_type.scat_Cromer_Mann_b2 
_atom_type.scat_Cromer_Mann_b3 
_atom_type.scat_Cromer_Mann_b4 
_atom_type.scat_Cromer_Mann_c 
_atom_type.scat_source 
_atom_type.scat_dispersion_source 
C   ? ? 2.51340 1.74867 1.72398 ? 31.80534 0.44561  10.58317 ? 0.0 
;3-Gaussian fit: Grosse-Kunstleve RW, Sauter NK, Adams PD: Newsletter of the IUCr Commission on Crystallographic Computing 2004, 3, 22-31.
;
? 
CL  ? ? 9.50761 7.44341 ?       ? 1.04373  23.83732 ?        ? 0.0 
;2-Gaussian fit: Grosse-Kunstleve RW, Sauter NK, Adams PD: Newsletter of the IUCr Commission on Crystallographic Computing 2004, 3, 22-31.
;
? 
H   ? ? 0.53795 0.34799 0.11320 ? 10.08003 29.74760 2.57510  ? 0.0 
;3-Gaussian fit: Grosse-Kunstleve RW, Sauter NK, Adams PD: Newsletter of the IUCr Commission on Crystallographic Computing 2004, 3, 22-31.
;
? 
N   ? ? 2.99955 2.25584 1.72788 ? 23.27268 7.45433  0.31622  ? 0.0 
;3-Gaussian fit: Grosse-Kunstleve RW, Sauter NK, Adams PD: Newsletter of the IUCr Commission on Crystallographic Computing 2004, 3, 22-31.
;
? 
O   ? ? 4.49882 3.47563 ?       ? 15.80542 1.70748  ?        ? 0.0 
;2-Gaussian fit: Grosse-Kunstleve RW, Sauter NK, Adams PD: Newsletter of the IUCr Commission on Crystallographic Computing 2004, 3, 22-31.
;
? 
O1- ? ? 4.31557 2.79156 1.86576 ? 8.03600  32.36470 0.29580  ? 0.0 
;3-Gaussian fit: Grosse-Kunstleve RW, Sauter NK, Adams PD: Newsletter of the IUCr Commission on Crystallographic Computing 2004, 3, 22-31.
;
? 
# 
loop_
_atom_site.group_PDB 
_atom_site.id 
_atom_site.type_symbol 
_atom_site.label_atom_id 
_atom_site.label_alt_id 
_atom_site.label_comp_id 
_atom_site.label_asym_id 
_atom_site.label_entity_id 
_atom_site.label_seq_id 
_atom_site.pdbx_PDB_ins_code 
_atom_site.Cartn_x 
_atom_site.Cartn_y 
_atom_site.Cartn_z 
_atom_site.occupancy 
_atom_site.B_iso_or_equiv 
_atom_site.pdbx_formal_charge 
_atom_site.auth_seq_id 
_atom_site.auth_comp_id 
_atom_site.auth_asym_id 
_atom_site.auth_atom_id 
_atom_site.pdbx_PDB_model_num 
HETATM 1   N  N      . HT0 A 1 1 ? -7.28290 6.67016   2.89993   1.000 11.95123 ?  2   HT0 A N      1 
HETATM 2   C  CA     . HT0 A 1 1 ? -6.00225 7.30995   3.11249   1.000 11.32103 ?  2   HT0 A CA     1 
HETATM 3   C  C      . HT0 A 1 1 ? -4.83775 6.35478   3.32389   1.000 11.12959 ?  2   HT0 A C      1 
HETATM 4   O  O      . HT0 A 1 1 ? -3.77363 6.78463   3.77989   1.000 12.38656 ?  2   HT0 A O      1 
HETATM 5   C  CB     . HT0 A 1 1 ? -5.93976 8.36071   1.98323   1.000 11.38456 ?  2   HT0 A CB     1 
HETATM 6   O  OB     . HT0 A 1 1 ? -7.31905 8.57685   1.66586   1.000 12.24039 ?  2   HT0 A OB     1 
HETATM 7   C  CG     . HT0 A 1 1 ? -5.18794 7.85537   0.81508   1.000 10.34983 ?  2   HT0 A CG     1 
HETATM 8   C  CD1    . HT0 A 1 1 ? -5.81150 7.04754   -0.13067  1.000 10.58304 ?  2   HT0 A CD1    1 
HETATM 9   C  CD2    . HT0 A 1 1 ? -3.83044 8.12930   0.67479   1.000 10.59728 ?  2   HT0 A CD2    1 
HETATM 10  C  CE1    . HT0 A 1 1 ? -5.09748 6.51666   -1.19083  1.000 10.37837 ?  2   HT0 A CE1    1 
HETATM 11  C  CE2    . HT0 A 1 1 ? -3.11655 7.60292   -0.39792  1.000 10.18051 ?  2   HT0 A CE2    1 
HETATM 12  C  CZ     . HT0 A 1 1 ? -3.74681 6.80135   -1.32512  1.000 9.15198  ?  2   HT0 A CZ     1 
HETATM 13  O  OH     . HT0 A 1 1 ? -3.03306 6.23213   -2.34597  1.000 8.68175  ?  2   HT0 A OH     1 
HETATM 14  C  C1     . HT0 A 1 1 ? -8.05466 7.45245   2.15437   1.000 12.91843 ?  2   HT0 A C1     1 
HETATM 15  O  O2     . HT0 A 1 1 ? -9.23687 7.32060   1.87331   1.000 14.23919 ?  2   HT0 A O2     1 
HETATM 16  H  H      . HT0 A 1 1 ? -7.68674 6.13919   3.65826   1.000 14.33369 ?  2   HT0 A H      1 
HETATM 17  H  HA     . HT0 A 1 1 ? -5.95956 7.82517   4.08229   1.000 13.57744 ?  2   HT0 A HA     1 
HETATM 18  H  HB     . HT0 A 1 1 ? -5.41471 9.27551   2.29188   1.000 13.65368 ?  2   HT0 A HB     1 
HETATM 19  H  HD1    . HT0 A 1 1 ? -6.86851 6.83149   -0.03609  1.000 12.69185 ?  2   HT0 A HD1    1 
HETATM 20  H  HD2    . HT0 A 1 1 ? -3.32796 8.75415   1.40278   1.000 12.70895 ?  2   HT0 A HD2    1 
HETATM 21  H  HE1    . HT0 A 1 1 ? -5.59246 5.88030   -1.91398  1.000 12.44625 ?  2   HT0 A HE1    1 
HETATM 22  H  HE2    . HT0 A 1 1 ? -2.06174 7.82410   -0.50438  1.000 12.20881 ?  2   HT0 A HE2    1 
ATOM   23  N  N      . PHE A 1 2 ? -5.01126 5.07165   3.02653   1.000 10.21047 ?  3   PHE A N      1 
ATOM   24  C  CA     . PHE A 1 2 ? -4.09572 4.03450   3.53425   1.000 9.92897  ?  3   PHE A CA     1 
ATOM   25  C  C      . PHE A 1 2 ? -3.05166 3.52382   2.52732   1.000 8.52659  ?  3   PHE A C      1 
ATOM   26  O  O      . PHE A 1 2 ? -1.84641 3.68289   2.72404   1.000 9.13134  ?  3   PHE A O      1 
ATOM   27  C  CB     . PHE A 1 2 ? -4.93777 2.85969   4.08993   1.000 10.20720 ?  3   PHE A CB     1 
ATOM   28  C  CG     . PHE A 1 2 ? -4.14467 1.59902   4.39057   1.000 10.33288 ?  3   PHE A CG     1 
ATOM   29  C  CD1    . PHE A 1 2 ? -3.18654 1.57453   5.39501   1.000 11.21198 ?  3   PHE A CD1    1 
ATOM   30  C  CD2    . PHE A 1 2 ? -4.35949 0.44209   3.65631   1.000 10.66397 ?  3   PHE A CD2    1 
ATOM   31  C  CE1    . PHE A 1 2 ? -2.46126 0.41908   5.64982   1.000 11.39534 ?  3   PHE A CE1    1 
ATOM   32  C  CE2    . PHE A 1 2 ? -3.63964 -0.70605  3.90636   1.000 10.81098 ?  3   PHE A CE2    1 
ATOM   33  C  CZ     . PHE A 1 2 ? -2.68282 -0.71836  4.89612   1.000 11.08817 ?  3   PHE A CZ     1 
ATOM   34  H  H      . PHE A 1 2 ? -5.64801 4.76872   2.53420   1.000 12.24477 ?  3   PHE A H      1 
ATOM   35  H  HA     . PHE A 1 2 ? -3.56172 4.43693   4.23695   1.000 11.90697 ?  3   PHE A HA     1 
ATOM   36  H  HB2    . PHE A 1 2 ? -5.35772 3.14496   4.91647   1.000 12.24085 ?  3   PHE A HB2    1 
ATOM   37  H  HB3    . PHE A 1 2 ? -5.61578 2.62947   3.43556   1.000 12.24085 ?  3   PHE A HB3    1 
ATOM   38  H  HD1    . PHE A 1 2 ? -3.02946 2.33870   5.90125   1.000 13.44658 ?  3   PHE A HD1    1 
ATOM   39  H  HD2    . PHE A 1 2 ? -5.00099 0.44119   2.98299   1.000 12.78897 ?  3   PHE A HD2    1 
ATOM   40  H  HE1    . PHE A 1 2 ? -1.82542 0.41000   6.32844   1.000 13.66661 ?  3   PHE A HE1    1 
ATOM   41  H  HE2    . PHE A 1 2 ? -3.80033 -1.47333  3.40601   1.000 12.96539 ?  3   PHE A HE2    1 
ATOM   42  H  HZ     . PHE A 1 2 ? -2.18748 -1.48885  5.05704   1.000 13.29801 ?  3   PHE A HZ     1 
HETATM 43  N  N      . GHP A 1 3 ? -3.53201 2.91110   1.44939   1.000 7.52203  ?  4   GHP A N      1 
HETATM 44  C  CA     . GHP A 1 3 ? -2.67098 2.22478   0.49749   1.000 7.56393  ?  4   GHP A CA     1 
HETATM 45  C  C      . GHP A 1 3 ? -3.08416 0.73650   0.37728   1.000 7.38976  ?  4   GHP A C      1 
HETATM 46  O  O      . GHP A 1 3 ? -4.28003 0.42519   0.18888   1.000 7.62205  ?  4   GHP A O      1 
HETATM 47  C  C1     . GHP A 1 3 ? -2.73343 2.86577   -0.87072  1.000 7.45205  ?  4   GHP A C1     1 
HETATM 48  C  C2     . GHP A 1 3 ? -2.87035 4.24366   -0.95819  1.000 7.57802  ?  4   GHP A C2     1 
HETATM 49  C  C3     . GHP A 1 3 ? -2.92918 4.86280   -2.20349  1.000 7.65871  ?  4   GHP A C3     1 
HETATM 50  C  C4     . GHP A 1 3 ? -2.86339 4.12912   -3.38107  1.000 7.56676  ?  4   GHP A C4     1 
HETATM 51  O  O4     . GHP A 1 3 ? -3.03042 4.79514   -4.58679  1.000 7.69914  ?  4   GHP A O4     1 
HETATM 52  C  C5     . GHP A 1 3 ? -2.71628 2.72386   -3.31566  1.000 7.64103  ?  4   GHP A C5     1 
HETATM 53  C  C6     . GHP A 1 3 ? -2.64763 2.11562   -2.05440  1.000 7.42946  ?  4   GHP A C6     1 
HETATM 54  H  H      . GHP A 1 3 ? -4.30946 2.54568   1.40893   1.000 9.01864  ?  4   GHP A H      1 
HETATM 55  H  HA     . GHP A 1 3 ? -1.75659 2.27705   0.81696   1.000 9.06892  ?  4   GHP A HA     1 
HETATM 56  H  HC2    . GHP A 1 3 ? -2.92306 4.75597   -0.18381  1.000 9.08583  ?  4   GHP A HC2    1 
HETATM 57  H  H6     . GHP A 1 3 ? -2.54294 1.19469   -1.97795  1.000 8.90756  ?  4   GHP A H6     1 
HETATM 58  N  N      . GHP A 1 4 ? -2.10126 -0.15009  0.44286   1.000 7.09411  ?  5   GHP A N      1 
HETATM 59  C  CA     . GHP A 1 4 ? -2.32617 -1.51411  0.05084   1.000 7.25221  ?  5   GHP A CA     1 
HETATM 60  C  C      . GHP A 1 4 ? -1.10998 -1.99358  -0.78891  1.000 7.03676  ?  5   GHP A C      1 
HETATM 61  O  O      . GHP A 1 4 ? -0.01840 -1.43042  -0.58950  1.000 7.54168  ?  5   GHP A O      1 
HETATM 62  C  C1     . GHP A 1 4 ? -2.50556 -2.53435  1.15017   1.000 7.17185  ?  5   GHP A C1     1 
HETATM 63  C  C2     . GHP A 1 4 ? -3.63367 -3.35035  1.13024   1.000 7.20928  ?  5   GHP A C2     1 
HETATM 64  C  C3     . GHP A 1 4 ? -3.82300 -4.37982  2.05647   1.000 7.76930  ?  5   GHP A C3     1 
HETATM 65  C  C4     . GHP A 1 4 ? -2.85548 -4.56475  3.03803   1.000 8.07969  ?  5   GHP A C4     1 
HETATM 66  O  O4     . GHP A 1 4 ? -2.96577 -5.53646  4.00924   1.000 9.20082  ?  5   GHP A O4     1 
HETATM 67  C  C5     . GHP A 1 4 ? -1.72035 -3.74848  3.07403   1.000 8.25142  ?  5   GHP A C5     1 
HETATM 68  C  C6     . GHP A 1 4 ? -1.53581 -2.74426  2.12958   1.000 7.67589  ?  5   GHP A C6     1 
HETATM 69  H  H      . GHP A 1 4 ? -1.45511 -0.12556  1.00985   1.000 8.50514  ?  5   GHP A H      1 
HETATM 70  H  HA     . GHP A 1 4 ? -3.16820 -1.49629  -0.43039  1.000 8.69486  ?  5   GHP A HA     1 
HETATM 71  H  HC2    . GHP A 1 4 ? -4.28298 -3.20681  0.48010   1.000 8.64334  ?  5   GHP A HC2    1 
HETATM 72  H  HO4    . GHP A 1 4 ? -3.24269 -6.24170  3.62332   1.000 11.03319 ?  5   GHP A HO4    1 
HETATM 73  H  H5     . GHP A 1 4 ? -1.08872 -3.88859  3.74210   1.000 9.89391  ?  5   GHP A H5     1 
HETATM 74  H  H6     . GHP A 1 4 ? -0.77780 -2.20546  2.13391   1.000 9.20327  ?  5   GHP A H6     1 
HETATM 75  N  N      . OMY A 1 5 ? -1.24306 -2.99543  -1.65299  1.000 7.20771  ?  6   OMY A N      1 
HETATM 76  C  CA     . OMY A 1 5 ? -2.47456 -3.61807  -2.07685  1.000 7.35997  ?  6   OMY A CA     1 
HETATM 77  O  OCZ    . OMY A 1 5 ? -2.65511 2.02562   -4.49936  1.000 7.67530  ?  6   OMY A OCZ    1 
HETATM 78  C  CE2    . OMY A 1 5 ? -1.45670 -0.02044  -4.39460  1.000 7.77759  ?  6   OMY A CE2    1 
HETATM 79  C  CE1    . OMY A 1 5 ? -3.85882 -0.01340  -4.15011  1.000 7.95797  ?  6   OMY A CE1    1 
HETATM 80  C  CZ     . OMY A 1 5 ? -2.67451 0.67471   -4.34556  1.000 7.53794  ?  6   OMY A CZ     1 
HETATM 81  C  CG     . OMY A 1 5 ? -2.62256 -2.09654  -3.98091  1.000 7.56019  ?  6   OMY A CG     1 
HETATM 82  C  CD2    . OMY A 1 5 ? -1.44356 -1.38973  -4.20285  1.000 7.61749  ?  6   OMY A CD2    1 
HETATM 83  C  CD1    . OMY A 1 5 ? -3.82332 -1.38572  -3.95006  1.000 7.72619  ?  6   OMY A CD1    1 
HETATM 84  C  CB     . OMY A 1 5 ? -2.63008 -3.57249  -3.63530  1.000 7.65808  ?  6   OMY A CB     1 
HETATM 85  CL CL     . OMY A 1 5 ? -5.32329 0.84126   -4.07894  0.852 9.04857  ?  6   OMY A CL     1 
HETATM 86  O  O      . OMY A 1 5 ? -1.58322 -5.72495  -1.27398  1.000 8.24443  ?  6   OMY A O      1 
HETATM 87  C  C      . OMY A 1 5 ? -2.57199 -5.01340  -1.43639  1.000 7.71840  ?  6   OMY A C      1 
HETATM 88  O  ODE    . OMY A 1 5 ? -1.56403 -4.30955  -4.18025  1.000 7.96246  ?  6   OMY A ODE    1 
HETATM 89  H  H      . OMY A 1 5 ? -0.47119 -3.28356  -2.22303  1.000 8.64146  ?  6   OMY A H      1 
HETATM 90  H  HA     . OMY A 1 5 ? -3.42026 -3.14355  -1.67447  1.000 8.82417  ?  6   OMY A HA     1 
HETATM 91  H  HE2    . OMY A 1 5 ? -0.52952 0.53975   -4.58575  1.000 9.32531  ?  6   OMY A HE2    1 
HETATM 92  H  HD2    . OMY A 1 5 ? -0.48410 -1.93335  -4.22568  1.000 9.13320  ?  6   OMY A HD2    1 
HETATM 93  H  HD1    . OMY A 1 5 ? -4.76806 -1.92131  -3.76294  1.000 9.26364  ?  6   OMY A HD1    1 
HETATM 94  H  HB     . OMY A 1 5 ? -3.54686 -4.07523  -4.06651  1.000 9.18190  ?  6   OMY A HB     1 
HETATM 95  N  N      . 3FG A 1 6 ? -3.79272 -5.38190  -1.03305  1.000 7.86064  ?  7   3FG A N      1 
HETATM 96  O  OD1    . 3FG A 1 6 ? -5.94715 -4.18303  3.75365   1.000 9.32035  ?  7   3FG A OD1    1 
HETATM 97  C  CD1    . 3FG A 1 6 ? -6.07966 -5.15490  2.78722   1.000 8.96417  ?  7   3FG A CD1    1 
HETATM 98  C  CG1    . 3FG A 1 6 ? -4.99908 -5.28754  1.88800   1.000 8.20365  ?  7   3FG A CG1    1 
HETATM 99  C  CZ     . 3FG A 1 6 ? -7.21448 -5.97950  2.69666   1.000 9.40085  ?  7   3FG A CZ     1 
HETATM 100 C  CD2    . 3FG A 1 6 ? -7.28264 -6.91471  1.66700   1.000 9.91256  ?  7   3FG A CD2    1 
HETATM 101 O  OD2    . 3FG A 1 6 ? -8.39934 -7.69510  1.61083   1.000 11.41018 ?  7   3FG A OD2    1 
HETATM 102 C  CG2    . 3FG A 1 6 ? -6.24009 -7.05207  0.74878   1.000 9.65532  ?  7   3FG A CG2    1 
HETATM 103 C  CB     . 3FG A 1 6 ? -5.11313 -6.24229  0.86695   1.000 8.64517  ?  7   3FG A CB     1 
HETATM 104 C  CA     . 3FG A 1 6 ? -3.96077 -6.45648  -0.09203  1.000 8.62369  ?  7   3FG A CA     1 
HETATM 105 C  C      . 3FG A 1 6 ? -4.06167 -7.81264  -0.73948  1.000 10.41621 ?  7   3FG A C      1 
HETATM 106 O  O      . 3FG A 1 6 ? -4.51208 -7.84263  -2.00916  1.000 12.04363 -1 7   3FG A O      1 
HETATM 107 O  OXT    . 3FG A 1 6 ? -3.80667 -8.85159  -0.14114  1.000 11.91126 ?  7   3FG A OXT    1 
HETATM 108 H  H      . 3FG A 1 6 ? -4.67994 -5.07654  -1.38150  1.000 9.42497  ?  7   3FG A H      1 
HETATM 109 H  HA     . 3FG A 1 6 ? -3.01998 -6.49975  0.53963   1.000 10.34063 ?  7   3FG A HA     1 
HETATM 110 H  HZ     . 3FG A 1 6 ? -8.04028 -5.90053  3.41598   1.000 11.27323 ?  7   3FG A HZ     1 
HETATM 111 H  HD2    . 3FG A 1 6 ? -8.34760 -8.23248  0.80602   1.000 13.68442 ?  7   3FG A HD2    1 
HETATM 112 H  HG2    . 3FG A 1 6 ? -6.30358 -7.79201  -0.06268  1.000 11.57859 ?  7   3FG A HG2    1 
HETATM 113 N  N      . HT0 B 1 1 ? 6.30760  -5.22798  -6.21449  1.000 9.83880  ?  2   HT0 B N      1 
HETATM 114 C  CA     . HT0 B 1 1 ? 4.94655  -5.65692  -6.47778  1.000 9.34699  ?  2   HT0 B CA     1 
HETATM 115 C  C      . HT0 B 1 1 ? 3.94133  -5.39309  -5.37827  1.000 8.82088  ?  2   HT0 B C      1 
HETATM 116 O  O      . HT0 B 1 1 ? 2.82204  -5.92984  -5.46772  1.000 9.95983  ?  2   HT0 B O      1 
HETATM 117 C  CB     . HT0 B 1 1 ? 4.64490  -5.00624  -7.84952  1.000 9.67542  ?  2   HT0 B CB     1 
HETATM 118 O  OB     . HT0 B 1 1 ? 5.93001  -4.83378  -8.41626  1.000 9.87986  ?  2   HT0 B OB     1 
HETATM 119 C  CG     . HT0 B 1 1 ? 3.95260  -3.67776  -7.72679  1.000 9.08142  ?  2   HT0 B CG     1 
HETATM 120 C  CD1    . HT0 B 1 1 ? 2.57307  -3.58780  -7.93226  1.000 9.30481  ?  2   HT0 B CD1    1 
HETATM 121 C  CD2    . HT0 B 1 1 ? 4.65962  -2.53881  -7.36061  1.000 9.31907  ?  2   HT0 B CD2    1 
HETATM 122 C  CE1    . HT0 B 1 1 ? 1.90855  -2.37414  -7.75646  1.000 8.84017  ?  2   HT0 B CE1    1 
HETATM 123 C  CE2    . HT0 B 1 1 ? 4.01093  -1.33005  -7.19605  1.000 9.29486  ?  2   HT0 B CE2    1 
HETATM 124 C  CZ     . HT0 B 1 1 ? 2.62910  -1.26493  -7.38262  1.000 8.40814  ?  2   HT0 B CZ     1 
HETATM 125 O  OH     . HT0 B 1 1 ? 1.97049  -0.08188  -7.17322  1.000 8.51605  ?  2   HT0 B OH     1 
HETATM 126 C  C1     . HT0 B 1 1 ? 6.88983  -4.85531  -7.35427  1.000 10.09072 ?  2   HT0 B C1     1 
HETATM 127 O  O2     . HT0 B 1 1 ? 8.06321  -4.57316  -7.55860  1.000 10.60301 ?  2   HT0 B O2     1 
HETATM 128 H  H      . HT0 B 1 1 ? 6.84113  -5.72504  -5.51566  1.000 11.79877 ?  2   HT0 B H      1 
HETATM 129 H  HA     . HT0 B 1 1 ? 4.90612  -6.75445  -6.51750  1.000 11.20860 ?  2   HT0 B HA     1 
HETATM 130 H  HB     . HT0 B 1 1 ? 3.96422  -5.63550  -8.43986  1.000 11.60271 ?  2   HT0 B HB     1 
HETATM 131 H  HD1    . HT0 B 1 1 ? 2.01575  -4.46727  -8.23028  1.000 11.15797 ?  2   HT0 B HD1    1 
HETATM 132 H  HD2    . HT0 B 1 1 ? 5.72934  -2.59925  -7.20271  1.000 11.17509 ?  2   HT0 B HD2    1 
HETATM 133 H  HE1    . HT0 B 1 1 ? 0.83897  -2.30663  -7.91245  1.000 10.60041 ?  2   HT0 B HE1    1 
HETATM 134 H  HE2    . HT0 B 1 1 ? 4.56882  -0.44223  -6.92508  1.000 11.14604 ?  2   HT0 B HE2    1 
ATOM   135 N  N      . PHE B 1 2 ? 4.31397  -4.62636  -4.35549  1.000 8.33151  ?  3   PHE B N      1 
ATOM   136 C  CA     . PHE B 1 2 ? 3.51297  -4.56152  -3.14839  1.000 8.31643  ?  3   PHE B CA     1 
ATOM   137 C  C      . PHE B 1 2 ? 2.63987  -3.30393  -3.01834  1.000 7.64847  ?  3   PHE B C      1 
ATOM   138 O  O      . PHE B 1 2 ? 1.41209  -3.39078  -3.13904  1.000 8.19432  ?  3   PHE B O      1 
ATOM   139 C  CB     . PHE B 1 2 ? 4.38347  -4.75327  -1.89662  1.000 8.98978  ?  3   PHE B CB     1 
ATOM   140 C  CG     . PHE B 1 2 ? 3.69817  -4.33184  -0.63557  1.000 9.23748  ?  3   PHE B CG     1 
ATOM   141 C  CD1    . PHE B 1 2 ? 2.42468  -4.79683  -0.31917  1.000 9.58650  ?  3   PHE B CD1    1 
ATOM   142 C  CD2    . PHE B 1 2 ? 4.30259  -3.41261  0.20154   1.000 9.98348  ?  3   PHE B CD2    1 
ATOM   143 C  CE1    . PHE B 1 2 ? 1.77253  -4.33085  0.80421   1.000 10.15234 ?  3   PHE B CE1    1 
ATOM   144 C  CE2    . PHE B 1 2 ? 3.65290  -2.93919  1.33282   1.000 10.43688 ?  3   PHE B CE2    1 
ATOM   145 C  CZ     . PHE B 1 2 ? 2.38218  -3.39600  1.62254   1.000 10.31102 ?  3   PHE B CZ     1 
ATOM   146 H  H      . PHE B 1 2 ? 5.02272  -4.13945  -4.34146  1.000 9.99002  ?  3   PHE B H      1 
ATOM   147 H  HA     . PHE B 1 2 ? 2.88308  -5.29712  -3.20356  1.000 9.97193  ?  3   PHE B HA     1 
ATOM   148 H  HB2    . PHE B 1 2 ? 4.61190  -5.69228  -1.81325  1.000 10.77995 ?  3   PHE B HB2    1 
ATOM   149 H  HB3    . PHE B 1 2 ? 5.19006  -4.22264  -1.99019  1.000 10.77995 ?  3   PHE B HB3    1 
ATOM   150 H  HD1    . PHE B 1 2 ? 2.01156  -5.42432  -0.86734  1.000 11.49601 ?  3   PHE B HD1    1 
ATOM   151 H  HD2    . PHE B 1 2 ? 5.15818  -3.10659  0.00346   1.000 11.97239 ?  3   PHE B HD2    1 
ATOM   152 H  HE1    . PHE B 1 2 ? 0.92230  -4.64544  1.01163   1.000 12.17501 ?  3   PHE B HE1    1 
ATOM   153 H  HE2    . PHE B 1 2 ? 4.06864  -2.32115  1.88968   1.000 12.51646 ?  3   PHE B HE2    1 
ATOM   154 H  HZ     . PHE B 1 2 ? 1.93406  -3.07388  2.37108   1.000 12.36543 ?  3   PHE B HZ     1 
HETATM 155 N  N      . GHP B 1 3 ? 3.25267  -2.14937  -2.77434  1.000 7.29362  ?  4   GHP B N      1 
HETATM 156 C  CA     . GHP B 1 3 ? 2.49469  -0.98008  -2.37239  1.000 7.05046  ?  4   GHP B CA     1 
HETATM 157 C  C      . GHP B 1 3 ? 3.17285  -0.20699  -1.21915  1.000 7.09507  ?  4   GHP B C      1 
HETATM 158 O  O      . GHP B 1 3 ? 4.38648  0.09370   -1.27069  1.000 7.63987  ?  4   GHP B O      1 
HETATM 159 C  C1     . GHP B 1 3 ? 2.24099  -0.01164  -3.50936  1.000 7.32796  ?  4   GHP B C1     1 
HETATM 160 C  C2     . GHP B 1 3 ? 2.23572  -0.47810  -4.80526  1.000 7.33144  ?  4   GHP B C2     1 
HETATM 161 C  C3     . GHP B 1 3 ? 2.00985  0.36840   -5.87512  1.000 7.64298  ?  4   GHP B C3     1 
HETATM 162 C  C4     . GHP B 1 3 ? 1.76197  1.72968   -5.66549  1.000 7.89949  ?  4   GHP B C4     1 
HETATM 163 O  O4     . GHP B 1 3 ? 1.52056  2.58717   -6.73672  1.000 8.59270  ?  4   GHP B O4     1 
HETATM 164 C  C5     . GHP B 1 3 ? 1.72806  2.22235   -4.34627  1.000 7.49306  ?  4   GHP B C5     1 
HETATM 165 C  C6     . GHP B 1 3 ? 1.97086  1.34781   -3.27573  1.000 7.17151  ?  4   GHP B C6     1 
HETATM 166 H  H      . GHP B 1 3 ? 4.05508  -2.07506  -2.47399  1.000 8.74455  ?  4   GHP B H      1 
HETATM 167 H  HA     . GHP B 1 3 ? 1.64023  -1.31878  -2.06244  1.000 8.45275  ?  4   GHP B HA     1 
HETATM 168 H  HC2    . GHP B 1 3 ? 2.38718  -1.38156  -4.96564  1.000 8.78994  ?  4   GHP B HC2    1 
HETATM 169 H  H6     . GHP B 1 3 ? 1.95752  1.65037   -2.39643  1.000 8.59802  ?  4   GHP B H6     1 
HETATM 170 N  N      . GHP B 1 4 ? 2.37306  0.16727   -0.24107  1.000 7.29692  ?  5   GHP B N      1 
HETATM 171 C  CA     . GHP B 1 4 ? 2.74895  1.22099   0.65414   1.000 7.43818  ?  5   GHP B CA     1 
HETATM 172 C  C      . GHP B 1 4 ? 1.43598  1.88204   1.18331   1.000 7.39938  ?  5   GHP B C      1 
HETATM 173 O  O      . GHP B 1 4 ? 0.36088  1.22526   1.08621   1.000 7.89448  ?  5   GHP B O      1 
HETATM 174 C  C1     . GHP B 1 4 ? 3.57274  0.89783   1.87820   1.000 7.43855  ?  5   GHP B C1     1 
HETATM 175 C  C2     . GHP B 1 4 ? 4.78346  1.55580   2.07511   1.000 7.12636  ?  5   GHP B C2     1 
HETATM 176 C  C3     . GHP B 1 4 ? 5.52018  1.42904   3.24548   1.000 7.32925  ?  5   GHP B C3     1 
HETATM 177 C  C4     . GHP B 1 4 ? 5.03931  0.57386   4.22824   1.000 7.40526  ?  5   GHP B C4     1 
HETATM 178 O  O4     . GHP B 1 4 ? 5.76463  0.47307   5.37381   1.000 8.26352  ?  5   GHP B O4     1 
HETATM 179 C  C5     . GHP B 1 4 ? 3.82693  -0.11851  4.05859   1.000 7.72021  ?  5   GHP B C5     1 
HETATM 180 C  C6     . GHP B 1 4 ? 3.08987  0.07038   2.89688   1.000 7.63999  ?  5   GHP B C6     1 
HETATM 181 H  H      . GHP B 1 4 ? 1.51458  0.12411   -0.26856  1.000 8.74851  ?  5   GHP B H      1 
HETATM 182 H  HA     . GHP B 1 4 ? 3.32974  1.78514   0.11998   1.000 8.91803  ?  5   GHP B HA     1 
HETATM 183 H  HC2    . GHP B 1 4 ? 5.11277  2.10146   1.39783   1.000 8.54384  ?  5   GHP B HC2    1 
HETATM 184 H  HO4    . GHP B 1 4 ? 6.25079  -0.22138  5.30301   1.000 9.90843  ?  5   GHP B HO4    1 
HETATM 185 H  H5     . GHP B 1 4 ? 3.53184  -0.69521  4.72585   1.000 9.25646  ?  5   GHP B H5     1 
HETATM 186 H  H6     . GHP B 1 4 ? 2.26758  -0.34686  2.77581   1.000 9.16019  ?  5   GHP B H6     1 
HETATM 187 N  N      . OMY B 1 5 ? 1.47925  3.08108   1.75118   1.000 7.57470  ?  6   OMY B N      1 
HETATM 188 C  CA     . OMY B 1 5 ? 2.60662  3.98522   1.78761   1.000 7.56229  ?  6   OMY B CA     1 
HETATM 189 O  OCZ    . OMY B 1 5 ? 1.42875  3.56183   -4.19231  1.000 7.94662  ?  6   OMY B OCZ    1 
HETATM 190 C  CE2    . OMY B 1 5 ? 0.49038  4.08935   -2.03200  1.000 7.79239  ?  6   OMY B CE2    1 
HETATM 191 C  CE1    . OMY B 1 5 ? 2.79886  4.59499   -2.50121  1.000 8.09000  ?  6   OMY B CE1    1 
HETATM 192 C  CZ     . OMY B 1 5 ? 1.57983  4.07128   -2.92561  1.000 7.70677  ?  6   OMY B CZ     1 
HETATM 193 C  CG     . OMY B 1 5 ? 1.91453  5.04922   -0.29288  1.000 7.86104  ?  6   OMY B CG     1 
HETATM 194 C  CD2    . OMY B 1 5 ? 0.67602  4.56772   -0.72872  1.000 7.92862  ?  6   OMY B CD2    1 
HETATM 195 C  CD1    . OMY B 1 5 ? 2.96506  5.07504   -1.20675  1.000 7.97634  ?  6   OMY B CD1    1 
HETATM 196 C  CB     . OMY B 1 5 ? 2.15783  5.37057   1.14865   1.000 7.85289  ?  6   OMY B CB     1 
HETATM 197 CL CL     . OMY B 1 5 ? 4.11010  4.63590   -3.58457  0.822 9.72239  ?  6   OMY B CL     1 
HETATM 198 O  O      . OMY B 1 5 ? 2.44068  3.88853   4.23957   1.000 8.60662  ?  6   OMY B O      1 
HETATM 199 C  C      . OMY B 1 5 ? 3.14940  4.06643   3.23236   1.000 7.84566  ?  6   OMY B C      1 
HETATM 200 O  ODE    . OMY B 1 5 ? 1.03359  5.75684   1.89693   1.000 8.09663  ?  6   OMY B ODE    1 
HETATM 201 H  H      . OMY B 1 5 ? 0.66459  3.48585   2.16630   1.000 9.08185  ?  6   OMY B H      1 
HETATM 202 H  HA     . OMY B 1 5 ? 3.54549  3.64786   1.25270   1.000 9.06695  ?  6   OMY B HA     1 
HETATM 203 H  HE2    . OMY B 1 5 ? -0.48948 3.72615   -2.37547  1.000 9.34308  ?  6   OMY B HE2    1 
HETATM 204 H  HD2    . OMY B 1 5 ? -0.17474 4.56555   -0.02672  1.000 9.50655  ?  6   OMY B HD2    1 
HETATM 205 H  HD1    . OMY B 1 5 ? 3.94448  5.48053   -0.90560  1.000 9.56381  ?  6   OMY B HD1    1 
HETATM 206 H  HB     . OMY B 1 5 ? 2.85688  6.25696   1.21804   1.000 9.41567  ?  6   OMY B HB     1 
HETATM 207 N  N      . 3FG B 1 6 ? 4.46377  4.31787   3.33062   1.000 7.89430  ?  7   3FG B N      1 
HETATM 208 O  OD1    . 3FG B 1 6 ? 8.08010  0.64295   2.44334   1.000 8.36856  ?  7   3FG B OD1    1 
HETATM 209 C  CD1    . 3FG B 1 6 ? 7.98662  1.87717   3.07496   1.000 8.30162  ?  7   3FG B CD1    1 
HETATM 210 C  CG1    . 3FG B 1 6 ? 6.71421  2.28842   3.49246   1.000 7.51553  ?  7   3FG B CG1    1 
HETATM 211 C  CZ     . 3FG B 1 6 ? 9.12143  2.65937   3.29708   1.000 9.26781  ?  7   3FG B CZ     1 
HETATM 212 C  CD2    . 3FG B 1 6 ? 8.97839  3.88185   3.94420   1.000 9.69987  ?  7   3FG B CD2    1 
HETATM 213 O  OD2    . 3FG B 1 6 ? 10.08843 4.65447   4.14541   1.000 11.39126 ?  7   3FG B OD2    1 
HETATM 214 C  CG2    . 3FG B 1 6 ? 7.72897  4.31043   4.36557   1.000 8.98801  ?  7   3FG B CG2    1 
HETATM 215 C  CB     . 3FG B 1 6 ? 6.60347  3.52543   4.13543   1.000 7.88382  ?  7   3FG B CB     1 
HETATM 216 C  CA     . 3FG B 1 6 ? 5.22068  4.01174   4.53062   1.000 8.04236  ?  7   3FG B CA     1 
HETATM 217 C  C      . 3FG B 1 6 ? 5.29958  5.16148   5.50444   1.000 8.82055  ?  7   3FG B C      1 
HETATM 218 O  O      . 3FG B 1 6 ? 5.31834  6.38332   5.00699   1.000 10.67367 -1 7   3FG B O      1 
HETATM 219 O  OXT    . 3FG B 1 6 ? 5.37053  4.98273   6.71877   1.000 9.35622  ?  7   3FG B OXT    1 
HETATM 220 H  HA     . 3FG B 1 6 ? 4.70165  3.20352   5.13341   1.000 9.64304  ?  7   3FG B HA     1 
HETATM 221 H  HZ     . 3FG B 1 6 ? 10.11721 2.32953   2.97268   1.000 11.11358 ?  7   3FG B HZ     1 
HETATM 222 H  HD2    . 3FG B 1 6 ? 9.79566  5.53423   4.42690   1.000 13.66172 ?  7   3FG B HD2    1 
HETATM 223 H  HG2    . 3FG B 1 6 ? 7.62202  5.27443   4.88445   1.000 10.77781 ?  7   3FG B HG2    1 
HETATM 224 C  C2     . BGC C 2 . ? -2.63512 5.29181   -6.86891  1.000 9.19077  ?  1   BGC F C2     1 
HETATM 225 C  C3     . BGC C 2 . ? -1.50207 5.38491   -7.91026  1.000 10.14305 ?  1   BGC F C3     1 
HETATM 226 C  C4     . BGC C 2 . ? -0.44665 6.36332   -7.35544  1.000 10.35516 ?  1   BGC F C4     1 
HETATM 227 C  C5     . BGC C 2 . ? 0.02836  5.78510   -6.03293  1.000 10.22421 ?  1   BGC F C5     1 
HETATM 228 C  C6     . BGC C 2 . ? 1.20749  6.59215   -5.50038  1.000 11.80225 ?  1   BGC F C6     1 
HETATM 229 C  C1     . BGC C 2 . ? -2.01789 4.84030   -5.51623  1.000 8.49969  ?  1   BGC F C1     1 
HETATM 230 O  O2     . BGC C 2 . ? -3.55170 4.28812   -7.25489  1.000 9.77551  ?  1   BGC F O2     1 
HETATM 231 O  O3     . BGC C 2 . ? -1.98982 5.88886   -9.15112  1.000 10.94716 ?  1   BGC F O3     1 
HETATM 232 O  O4     . BGC C 2 . ? 0.63586  6.37651   -8.27748  1.000 11.05086 ?  1   BGC F O4     1 
HETATM 233 O  O5     . BGC C 2 . ? -1.07695 5.77457   -5.10097  1.000 9.15667  ?  1   BGC F O5     1 
HETATM 234 O  O6     A BGC C 2 . ? 0.86154  7.83457   -5.04064  0.745 12.42458 ?  1   BGC F O6     1 
HETATM 235 O  O6     B BGC C 2 . ? 1.93772  7.12199   -6.57846  0.255 12.04916 ?  1   BGC F O6     1 
HETATM 236 H  H2     . BGC C 2 . ? -3.13407 6.28366   -6.77786  1.000 11.02113 ?  1   BGC F H2     1 
HETATM 237 H  H3     . BGC C 2 . ? -1.06642 4.37377   -8.09257  1.000 12.16386 ?  1   BGC F H3     1 
HETATM 238 H  H4     . BGC C 2 . ? -0.82397 7.40509   -7.23074  1.000 12.41840 ?  1   BGC F H4     1 
HETATM 239 H  H5     . BGC C 2 . ? 0.42975  4.75609   -6.17000  1.000 12.26126 ?  1   BGC F H5     1 
HETATM 240 H  H61    A BGC C 2 . ? 1.69388  5.99105   -4.69982  0.745 14.15491 ?  1   BGC F H61    1 
HETATM 241 H  H61    B BGC C 2 . ? 0.82415  7.38897   -4.82443  0.255 14.15491 ?  1   BGC F H61    1 
HETATM 242 H  H62    A BGC C 2 . ? 1.96294  6.66350   -6.31461  0.745 14.15491 ?  1   BGC F H62    1 
HETATM 243 H  H62    B BGC C 2 . ? 1.83311  5.93529   -4.85546  0.255 14.15491 ?  1   BGC F H62    1 
HETATM 244 H  H1     . BGC C 2 . ? -1.60676 3.80089   -5.53868  1.000 10.19183 ?  1   BGC F H1     1 
HETATM 245 H  HO3    . BGC C 2 . ? -1.86458 5.21251   -9.79590  1.000 13.12879 ?  1   BGC F HO3    1 
HETATM 246 H  HO4    . BGC C 2 . ? 0.26081  6.45034   -9.14422  1.000 13.25324 ?  1   BGC F HO4    1 
HETATM 247 H  HO6    A BGC C 2 . ? -0.02517 7.98998   -5.35594  0.745 14.90170 ?  1   BGC F HO6    1 
HETATM 248 H  HO6    B BGC C 2 . ? 2.19802  6.36541   -7.10972  0.255 14.45120 ?  1   BGC F HO6    1 
HETATM 249 C  C1     . Z6G C 2 . ? -4.60145 4.71297   -8.03056  1.000 10.51521 ?  2   Z6G F C1     1 
HETATM 250 C  C2     . Z6G C 2 . ? -5.43075 3.48309   -8.34963  1.000 11.78015 ?  2   Z6G F C2     1 
HETATM 251 C  C3     . Z6G C 2 . ? -6.07488 2.96603   -7.07523  1.000 11.64872 ?  2   Z6G F C3     1 
HETATM 252 C  C4     . Z6G C 2 . ? -6.87774 4.08326   -6.42520  1.000 11.11652 ?  2   Z6G F C4     1 
HETATM 253 C  C5     . Z6G C 2 . ? -5.99051 5.29104   -6.17412  1.000 10.26200 ?  2   Z6G F C5     1 
HETATM 254 C  C6     . Z6G C 2 . ? -6.76977 6.47553   -5.61713  1.000 11.21982 ?  2   Z6G F C6     1 
HETATM 255 O  O2     . Z6G C 2 . ? -7.44336 3.61040   -5.20581  1.000 11.82907 ?  2   Z6G F O2     1 
HETATM 256 O  O3     . Z6G C 2 . ? -5.39094 5.71810   -7.39552  1.000 10.11017 ?  2   Z6G F O3     1 
HETATM 257 N  N1     . Z6G C 2 . ? -6.93553 1.79250   -7.38095  1.000 12.66471 ?  2   Z6G F N1     1 
HETATM 258 H  H11    . Z6G C 2 . ? -4.20149 5.11784   -8.96253  1.000 12.61046 ?  2   Z6G F H11    1 
HETATM 259 H  H21    . Z6G C 2 . ? -6.20228 3.73450   -9.08038  1.000 14.12839 ?  2   Z6G F H21    1 
HETATM 260 H  H22    . Z6G C 2 . ? -4.79529 2.70921   -8.78524  1.000 14.12839 ?  2   Z6G F H22    1 
HETATM 261 H  H31    . Z6G C 2 . ? -5.30072 2.63056   -6.37098  1.000 13.97067 ?  2   Z6G F H31    1 
HETATM 262 H  H41    . Z6G C 2 . ? -7.69275 4.38989   -7.09568  1.000 13.33203 ?  2   Z6G F H41    1 
HETATM 263 H  H51    . Z6G C 2 . ? -5.23184 4.97654   -5.44385  1.000 12.30661 ?  2   Z6G F H51    1 
HETATM 264 H  H61    . Z6G C 2 . ? -7.15295 6.22797   -4.66142  1.000 13.45599 ?  2   Z6G F H61    1 
HETATM 265 H  H62    . Z6G C 2 . ? -6.12707 7.31306   -5.53367  1.000 13.45599 ?  2   Z6G F H62    1 
HETATM 266 H  H63    . Z6G C 2 . ? -7.57098 6.70895   -6.26908  1.000 13.45599 ?  2   Z6G F H63    1 
HETATM 267 H  H2O    . Z6G C 2 . ? -8.05998 2.88984   -5.39461  1.000 14.18709 ?  2   Z6G F H2O    1 
HETATM 268 H  H11N   . Z6G C 2 . ? -7.92578 2.04179   -7.22486  1.000 15.18986 ?  2   Z6G F H11N   1 
HETATM 269 H  H12N   . Z6G C 2 . ? -6.67704 1.00576   -6.76345  1.000 15.18986 ?  2   Z6G F H12N   1 
HETATM 270 H  "HN'3" . Z6G C 2 . ? -6.80161 1.51484   -8.36687  1.000 15.18986 ?  2   Z6G F "HN'3" 1 
HETATM 271 C  C2     . BGC D 2 . ? 2.04605  3.25213   -8.96247  1.000 11.44259 ?  1   BGC J C2     1 
HETATM 272 C  C3     . BGC D 2 . ? 3.20478  3.67412   -9.88496  1.000 13.29169 ?  1   BGC J C3     1 
HETATM 273 C  C4     . BGC D 2 . ? 4.00661  4.74060   -9.14677  1.000 13.89167 ?  1   BGC J C4     1 
HETATM 274 C  C5     . BGC D 2 . ? 4.51553  4.12887   -7.79731  1.000 13.21655 ?  1   BGC J C5     1 
HETATM 275 C  C6     . BGC D 2 . ? 5.35423  5.17512   -7.06488  1.000 15.14342 ?  1   BGC J C6     1 
HETATM 276 C  C1     . BGC D 2 . ? 2.59645  2.81464   -7.56887  1.000 10.09496 ?  1   BGC J C1     1 
HETATM 277 O  O2     . BGC D 2 . ? 1.48683  2.12293   -9.58620  1.000 12.07192 ?  1   BGC J O2     1 
HETATM 278 O  O3     . BGC D 2 . ? 2.65063  4.25081   -11.06836 1.000 14.12993 ?  1   BGC J O3     1 
HETATM 279 O  O4     . BGC D 2 . ? 5.14996  5.04008   -9.95466  1.000 15.32087 ?  1   BGC J O4     1 
HETATM 280 O  O5     . BGC D 2 . ? 3.36631  3.83607   -7.01144  1.000 11.91713 ?  1   BGC J O5     1 
HETATM 281 O  O6     . BGC D 2 . ? 6.02689  4.51549   -6.01343  0.706 16.18136 ?  1   BGC J O6     1 
HETATM 282 H  H2     . BGC D 2 . ? 1.32690  4.08693   -8.79842  1.000 13.72332 ?  1   BGC J H2     1 
HETATM 283 H  H3     . BGC D 2 . ? 3.85517  2.80794   -10.15361 1.000 15.94223 ?  1   BGC J H3     1 
HETATM 284 H  H4     . BGC D 2 . ? 3.41075  5.66573   -8.96699  1.000 16.66221 ?  1   BGC J H4     1 
HETATM 285 H  H5     . BGC D 2 . ? 5.16592  3.24124   -7.96430  1.000 15.85207 ?  1   BGC J H5     1 
HETATM 286 H  H61    . BGC D 2 . ? 6.05508  5.65923   -7.78128  1.000 18.16431 ?  1   BGC J H61    1 
HETATM 287 H  H62    . BGC D 2 . ? 4.69401  5.99380   -6.70066  1.000 18.16431 ?  1   BGC J H62    1 
HETATM 288 H  H1     . BGC D 2 . ? 3.14642  1.84174   -7.59900  1.000 12.10616 ?  1   BGC J H1     1 
HETATM 289 H  HO3    . BGC D 2 . ? 2.29975  3.54933   -11.58737 1.000 16.94812 ?  1   BGC J HO3    1 
HETATM 290 H  HO4    . BGC D 2 . ? 4.88263  5.67890   -10.59869 1.000 18.37726 ?  1   BGC J HO4    1 
HETATM 291 H  HO6    . BGC D 2 . ? 5.36307  4.31575   -5.35037  1.000 19.40984 ?  1   BGC J HO6    1 
HETATM 292 C  C1     . Z6G D 2 . ? 0.28868  2.36690   -10.21396 1.000 12.27181 ?  2   Z6G J C1     1 
HETATM 293 C  C2     . Z6G D 2 . ? 0.13524  1.30145   -11.28436 1.000 13.22367 ?  2   Z6G J C2     1 
HETATM 294 C  C3     . Z6G D 2 . ? -0.01378 -0.08637  -10.68760 1.000 13.14376 ?  2   Z6G J C3     1 
HETATM 295 C  C4     . Z6G D 2 . ? -1.13977 -0.08993  -9.67903  1.000 12.86213 ?  2   Z6G J C4     1 
HETATM 296 C  C5     . Z6G D 2 . ? -0.93175 1.03305   -8.67443  1.000 12.28551 ?  2   Z6G J C5     1 
HETATM 297 C  C6     . Z6G D 2 . ? -2.10103 1.13470   -7.71170  1.000 12.84803 ?  2   Z6G J C6     1 
HETATM 298 O  O2     . Z6G D 2 . ? -1.15805 -1.37146  -9.05425  1.000 13.52676 ?  2   Z6G J O2     1 
HETATM 299 O  O3     . Z6G D 2 . ? -0.82637 2.27886   -9.33818  1.000 12.00237 ?  2   Z6G J O3     1 
HETATM 300 N  N1     . Z6G D 2 . ? -0.27059 -1.07145  -11.77181 1.000 13.89307 ?  2   Z6G J N1     1 
HETATM 301 H  H21    . Z6G D 2 . ? -0.74291 1.52721   -11.89292 1.000 15.86061 ?  2   Z6G J H21    1 
HETATM 302 H  H22    . Z6G D 2 . ? 1.01006  1.31972   -11.93768 1.000 15.86061 ?  2   Z6G J H22    1 
HETATM 303 H  H31    . Z6G D 2 . ? 0.91572  -0.37730  -10.17850 1.000 15.76472 ?  2   Z6G J H31    1 
HETATM 304 H  H41    . Z6G D 2 . ? -2.11292 0.08217   -10.15981 1.000 15.42676 ?  2   Z6G J H41    1 
HETATM 305 H  H51    . Z6G D 2 . ? -0.00631 0.80598   -8.12688  1.000 14.73482 ?  2   Z6G J H51    1 
HETATM 306 H  H61    . Z6G D 2 . ? -2.20059 0.22433   -7.17993  1.000 15.40985 ?  2   Z6G J H61    1 
HETATM 307 H  H62    . Z6G D 2 . ? -2.98993 1.32530   -8.25485  1.000 15.40985 ?  2   Z6G J H62    1 
HETATM 308 H  H63    . Z6G D 2 . ? -1.92824 1.92539   -7.02875  1.000 15.40985 ?  2   Z6G J H63    1 
HETATM 309 H  H2O    . Z6G D 2 . ? -1.01468 -1.26861  -8.10349  1.000 16.22431 ?  2   Z6G J H2O    1 
HETATM 310 H  H11N   . Z6G D 2 . ? 0.62916  -1.42258  -12.13821 1.000 16.66389 ?  2   Z6G J H11N   1 
HETATM 311 H  H12N   . Z6G D 2 . ? -0.79813 -0.61513  -12.53375 1.000 16.66389 ?  2   Z6G J H12N   1 
HETATM 312 H  "HN'3" . Z6G D 2 . ? -0.82116 -1.86082  -11.39651 1.000 16.66389 ?  2   Z6G J "HN'3" 1 
HETATM 313 C  C1     . MAN E 3 . ? -7.03673 -3.87689  4.54079   1.000 9.75268  ?  101 MAN A C1     1 
HETATM 314 C  C2     . MAN E 3 . ? -6.76974 -2.52712  5.14125   1.000 11.42932 ?  101 MAN A C2     1 
HETATM 315 C  C3     . MAN E 3 . ? -5.59842 -2.66018  6.09940   1.000 12.68808 ?  101 MAN A C3     1 
HETATM 316 C  C4     . MAN E 3 . ? -5.80631 -3.85070  7.11242   1.000 12.55263 ?  101 MAN A C4     1 
HETATM 317 C  C5     . MAN E 3 . ? -6.20344 -5.11106  6.39108   1.000 11.41961 ?  101 MAN A C5     1 
HETATM 318 C  C6     . MAN E 3 . ? -6.60498 -6.19504  7.34396   1.000 12.68590 ?  101 MAN A C6     1 
HETATM 319 O  O2     . MAN E 3 . ? -7.92018 -2.09155  5.86370   1.000 12.34123 ?  101 MAN A O2     1 
HETATM 320 O  O3     . MAN E 3 . ? -5.36024 -1.45215  6.78552   1.000 14.53884 ?  101 MAN A O3     1 
HETATM 321 O  O4     . MAN E 3 . ? -4.60674 -4.12312  7.81005   1.000 13.68621 ?  101 MAN A O4     1 
HETATM 322 O  O5     . MAN E 3 . ? -7.31143 -4.82643  5.53277   1.000 10.07520 ?  101 MAN A O5     1 
HETATM 323 O  O6     . MAN E 3 . ? -7.61494 -5.67676  8.23358   1.000 13.62547 ?  101 MAN A O6     1 
HETATM 324 H  H1     . MAN E 3 . ? -7.94390 -3.84917  3.91752   1.000 11.69542 ?  101 MAN A H1     1 
HETATM 325 H  H2     . MAN E 3 . ? -6.51428 -1.77353  4.38464   1.000 13.70739 ?  101 MAN A H2     1 
HETATM 326 H  H3     . MAN E 3 . ? -4.69235 -2.88216  5.52599   1.000 15.21790 ?  101 MAN A H3     1 
HETATM 327 H  H4     . MAN E 3 . ? -6.62906 -3.55002  7.78271   1.000 15.05536 ?  101 MAN A H4     1 
HETATM 328 H  H5     . MAN E 3 . ? -5.36709 -5.47336  5.77882   1.000 13.69574 ?  101 MAN A H5     1 
HETATM 329 H  H61    . MAN E 3 . ? -6.98285 -7.04830  6.75971   1.000 15.21528 ?  101 MAN A H61    1 
HETATM 330 H  H62    . MAN E 3 . ? -5.71010 -6.52009  7.89690   1.000 15.21528 ?  101 MAN A H62    1 
HETATM 331 H  HO2    . MAN E 3 . ? -8.66862 -2.03598  5.26022   1.000 14.80169 ?  101 MAN A HO2    1 
HETATM 332 H  HO3    . MAN E 3 . ? -5.09615 -0.81331  6.10411   1.000 17.43881 ?  101 MAN A HO3    1 
HETATM 333 H  HO4    . MAN E 3 . ? -4.55390 -3.41066  8.48097   1.000 16.41566 ?  101 MAN A HO4    1 
HETATM 334 H  HO6    . MAN E 3 . ? -8.25833 -6.37916  8.37979   1.000 16.34278 ?  101 MAN A HO6    1 
HETATM 335 C  C1     . YBJ F 4 . ? -1.63224 -4.42606  -5.54966  1.000 9.77968  ?  102 YBJ A C1     1 
HETATM 336 C  C2     . YBJ F 4 . ? -0.39084 -5.18225  -6.01760  1.000 10.21907 ?  102 YBJ A C2     1 
HETATM 337 C  C3     . YBJ F 4 . ? -0.47529 -6.64592  -5.62031  1.000 11.28003 ?  102 YBJ A C3     1 
HETATM 338 C  C4     . YBJ F 4 . ? -1.79641 -7.23012  -6.08968  1.000 12.86044 ?  102 YBJ A C4     1 
HETATM 339 C  C5     . YBJ F 4 . ? -2.93326 -6.41172  -5.50447  1.000 12.86560 ?  102 YBJ A C5     1 
HETATM 340 N  N      . YBJ F 4 . ? 0.63922  -7.40914  -6.21863  1.000 11.82530 ?  102 YBJ A N      1 
HETATM 341 C  C      . YBJ F 4 . ? -4.27995 -6.97149  -5.91345  1.000 13.61841 ?  102 YBJ A C      1 
HETATM 342 O  O      . YBJ F 4 . ? -2.82269 -5.08525  -5.98184  1.000 11.64406 ?  102 YBJ A O      1 
HETATM 343 C  C6     . YBJ F 4 . ? -2.26820 -9.42293  -6.79327  0.432 14.45858 ?  102 YBJ A C6     1 
HETATM 344 O  O2     . YBJ F 4 . ? -1.89145 -8.59682  -5.69347  1.000 14.20722 ?  102 YBJ A O2     1 
HETATM 345 H  H9     . YBJ F 4 . ? -1.60006 -3.42147  -5.99414  1.000 11.72782 ?  102 YBJ A H9     1 
HETATM 346 H  H8     . YBJ F 4 . ? 0.50005  -4.73340  -5.57338  1.000 12.25509 ?  102 YBJ A H8     1 
HETATM 347 H  H7     . YBJ F 4 . ? -0.30128 -5.10235  -7.10298  1.000 12.25509 ?  102 YBJ A H7     1 
HETATM 348 H  H2     . YBJ F 4 . ? -0.40443 -6.71848  -4.52599  1.000 13.52825 ?  102 YBJ A H2     1 
HETATM 349 H  H1     . YBJ F 4 . ? -1.85813 -7.19645  -7.18643  1.000 15.42474 ?  102 YBJ A H1     1 
HETATM 350 H  H      . YBJ F 4 . ? -2.86419 -6.43902  -4.40798  1.000 15.43092 ?  102 YBJ A H      1 
HETATM 351 H  H10    . YBJ F 4 . ? 1.23224  -7.79384  -5.46667  1.000 14.18256 ?  102 YBJ A H10    1 
HETATM 352 H  H11    . YBJ F 4 . ? 1.20266  -6.78778  -6.81810  1.000 14.18256 ?  102 YBJ A H11    1 
HETATM 353 H  H4     . YBJ F 4 . ? -4.38510 -7.95327  -5.53066  1.000 16.33429 ?  102 YBJ A H4     1 
HETATM 354 H  H6     . YBJ F 4 . ? -5.05021 -6.35695  -5.52550  1.000 16.33429 ?  102 YBJ A H6     1 
HETATM 355 H  H5     . YBJ F 4 . ? -4.34603 -6.99560  -6.97010  1.000 16.33429 ?  102 YBJ A H5     1 
HETATM 356 H  H13    . YBJ F 4 . ? -2.42751 -10.41297 -6.45277  1.000 17.34250 ?  102 YBJ A H13    1 
HETATM 357 H  H12    . YBJ F 4 . ? -3.16040 -9.05032  -7.22526  1.000 17.34250 ?  102 YBJ A H12    1 
HETATM 358 H  H14    . YBJ F 4 . ? -1.49641 -9.41891  -7.51841  1.000 17.34250 ?  102 YBJ A H14    1 
HETATM 359 C  C1     . MAN G 3 . ? 7.92617  0.69766   1.07230   1.000 8.64259  ?  101 MAN B C1     1 
HETATM 360 C  C2     . MAN G 3 . ? 7.43115  -0.69696  0.64089   1.000 9.47778  ?  101 MAN B C2     1 
HETATM 361 C  C3     . MAN G 3 . ? 8.56473  -1.72313  0.77965   1.000 10.24747 ?  101 MAN B C3     1 
HETATM 362 C  C4     . MAN G 3 . ? 9.82507  -1.21880  0.05416   1.000 10.60582 ?  101 MAN B C4     1 
HETATM 363 C  C5     . MAN G 3 . ? 10.19832 0.17890   0.54877   1.000 9.71863  ?  101 MAN B C5     1 
HETATM 364 C  C6     . MAN G 3 . ? 11.35395 0.75937   -0.23881  1.000 10.92274 ?  101 MAN B C6     1 
HETATM 365 O  O2     . MAN G 3 . ? 7.06568  -0.70178  -0.73181  1.000 10.15797 ?  101 MAN B O2     1 
HETATM 366 O  O3     . MAN G 3 . ? 8.19761  -3.01168  0.27411   1.000 11.21741 ?  101 MAN B O3     1 
HETATM 367 O  O4     . MAN G 3 . ? 10.89871 -2.10593  0.29917   1.000 12.21989 ?  101 MAN B O4     1 
HETATM 368 O  O5     . MAN G 3 . ? 9.08591  1.06367   0.36434   1.000 8.82620  ?  101 MAN B O5     1 
HETATM 369 O  O6     . MAN G 3 . ? 11.74274 1.99562   0.30241   1.000 11.99784 ?  101 MAN B O6     1 
HETATM 370 H  H1     . MAN G 3 . ? 7.18265  1.46812   0.81582   1.000 10.36331 ?  101 MAN B H1     1 
HETATM 371 H  H2     . MAN G 3 . ? 6.58367  -0.99412  1.27262   1.000 11.36554 ?  101 MAN B H2     1 
HETATM 372 H  H3     . MAN G 3 . ? 8.78910  -1.86363  1.84217   1.000 12.28918 ?  101 MAN B H3     1 
HETATM 373 H  H4     . MAN G 3 . ? 9.59631  -1.14127  -1.02207  1.000 12.71919 ?  101 MAN B H4     1 
HETATM 374 H  H5     . MAN G 3 . ? 10.45535 0.12909   1.61510   1.000 11.65456 ?  101 MAN B H5     1 
HETATM 375 H  H61    . MAN G 3 . ? 11.02834 0.87014   -1.28471  1.000 13.09950 ?  101 MAN B H61    1 
HETATM 376 H  H62    . MAN G 3 . ? 12.18259 0.03512   -0.20651  1.000 13.09950 ?  101 MAN B H62    1 
HETATM 377 H  HO2    . MAN G 3 . ? 6.12335  -0.90223  -0.80586  1.000 12.18178 ?  101 MAN B HO2    1 
HETATM 378 H  HO3    . MAN G 3 . ? 7.56013  -3.36881  0.91316   1.000 13.45310 ?  101 MAN B HO3    1 
HETATM 379 H  HO4    . MAN G 3 . ? 10.78900 -2.81377  -0.35461  1.000 14.65608 ?  101 MAN B HO4    1 
HETATM 380 H  HO6    . MAN G 3 . ? 12.55891 1.84744   0.79990   1.000 14.38962 ?  101 MAN B HO6    1 
HETATM 381 C  C1     . YBJ H 4 . ? 0.67605  7.07859   1.73254   1.000 8.38925  ?  102 YBJ B C1     1 
HETATM 382 C  C2     . YBJ H 4 . ? -0.57407 7.32768   2.57200   1.000 9.10095  ?  102 YBJ B C2     1 
HETATM 383 C  C3     . YBJ H 4 . ? -0.21670 7.19969   4.04785   1.000 9.53171  ?  102 YBJ B C3     1 
HETATM 384 C  C4     . YBJ H 4 . ? 0.91401  8.16233   4.38190   1.000 9.91989  ?  102 YBJ B C4     1 
HETATM 385 C  C5     . YBJ H 4 . ? 2.11910  7.89291   3.47867   1.000 9.27317  ?  102 YBJ B C5     1 
HETATM 386 N  N      . YBJ H 4 . ? -1.38265 7.45077   4.90927   1.000 10.30929 ?  102 YBJ B N      1 
HETATM 387 C  C      . YBJ H 4 . ? 3.24311  8.89611   3.70097   1.000 9.80961  ?  102 YBJ B C      1 
HETATM 388 O  O      . YBJ H 4 . ? 1.72508  7.96776   2.10602   1.000 8.35479  ?  102 YBJ B O      1 
HETATM 389 C  C6     . YBJ H 4 . ? 1.09902  9.22650   6.47570   0.574 11.90108 ?  102 YBJ B C6     1 
HETATM 390 O  O2     . YBJ H 4 . ? 1.25388  7.99928   5.76171   1.000 11.52299 ?  102 YBJ B O2     1 
HETATM 391 H  H9     . YBJ H 4 . ? 0.41436  7.25893   0.68050   1.000 10.05930 ?  102 YBJ B H9     1 
HETATM 392 H  H8     . YBJ H 4 . ? -0.96679 8.32614   2.36874   1.000 10.91334 ?  102 YBJ B H8     1 
HETATM 393 H  H7     . YBJ H 4 . ? -1.34841 6.60304   2.31172   1.000 10.91334 ?  102 YBJ B H7     1 
HETATM 394 H  H2     . YBJ H 4 . ? 0.10998  6.16830   4.24107   1.000 11.43026 ?  102 YBJ B H2     1 
HETATM 395 H  H1     . YBJ H 4 . ? 0.59717  9.20102   4.21292   1.000 11.89608 ?  102 YBJ B H1     1 
HETATM 396 H  H      . YBJ H 4 . ? 2.48624  6.88717   3.72668   1.000 11.12001 ?  102 YBJ B H      1 
HETATM 397 H  H10    . YBJ H 4 . ? -2.02280 8.06800   4.39532   1.000 12.36335 ?  102 YBJ B H10    1 
HETATM 398 H  H11    . YBJ H 4 . ? -1.86907 6.55675   5.07017   1.000 12.36335 ?  102 YBJ B H11    1 
HETATM 399 H  H4     . YBJ H 4 . ? 3.54518  8.86867   4.71561   1.000 11.76374 ?  102 YBJ B H4     1 
HETATM 400 H  H6     . YBJ H 4 . ? 4.06517  8.64826   3.08107   1.000 11.76374 ?  102 YBJ B H6     1 
HETATM 401 H  H5     . YBJ H 4 . ? 2.90056  9.86897   3.46080   1.000 11.76374 ?  102 YBJ B H5     1 
HETATM 402 H  H13    . YBJ H 4 . ? 1.44523  9.10316   7.46888   1.000 14.27351 ?  102 YBJ B H13    1 
HETATM 403 H  H12    . YBJ H 4 . ? 1.66096  9.98628   5.99775   1.000 14.27351 ?  102 YBJ B H12    1 
HETATM 404 H  H14    . YBJ H 4 . ? 0.07603  9.49998   6.48984   1.000 14.27351 ?  102 YBJ B H14    1 
HETATM 405 C  C      . FMT I 5 . ? 0.69010  -6.87097  -9.81802  0.946 20.01905 ?  103 FMT B C      1 
HETATM 406 O  O1     . FMT I 5 . ? 0.57874  -7.62249  -8.85136  0.946 20.38710 ?  103 FMT B O1     1 
HETATM 407 O  O2     . FMT I 5 . ? 0.53580  -5.65340  -9.72164  0.946 19.69332 ?  103 FMT B O2     1 
HETATM 408 H  H      . FMT I 5 . ? 0.99431  -7.26093  -10.78843 0.946 24.01506 ?  103 FMT B H      1 
HETATM 409 O  O      . HOH J 6 . ? -3.14225 -5.22386  9.44007   0.475 11.27862 ?  201 HOH A O      1 
HETATM 410 O  O      . HOH J 6 . ? -4.37177 -7.55933  4.22644   1.000 14.37045 ?  202 HOH A O      1 
HETATM 411 O  O      . HOH J 6 . ? 0.69040  -6.17190  -2.60309  1.000 12.81150 ?  203 HOH A O      1 
HETATM 412 O  O      . HOH J 6 . ? -6.26767 2.12705   -0.53798  1.000 13.45212 ?  204 HOH A O      1 
HETATM 413 O  O      . HOH J 6 . ? -9.44773 4.81644   0.62397   1.000 16.57578 ?  205 HOH A O      1 
HETATM 414 O  O      . HOH J 6 . ? -8.81050 -8.89316  -0.91659  1.000 23.85049 ?  206 HOH A O      1 
HETATM 415 O  O      . HOH J 6 . ? -2.96327 -6.23638  6.76378   1.000 9.74303  ?  207 HOH A O      1 
HETATM 416 O  O      . HOH J 6 . ? -6.96697 3.57041   1.55311   1.000 17.10656 ?  208 HOH A O      1 
HETATM 417 O  O      . HOH J 6 . ? -7.93148 11.19297  2.82742   1.000 37.89344 ?  209 HOH A O      1 
HETATM 418 O  O      . HOH J 6 . ? -8.04780 4.78345   5.03539   1.000 19.21721 ?  210 HOH A O      1 
HETATM 419 O  O      . HOH J 6 . ? -6.40560 -5.90431  -3.20992  1.000 20.11403 ?  211 HOH A O      1 
HETATM 420 O  O      . HOH J 6 . ? -7.25180 -3.38439  10.59162  1.000 22.85637 ?  212 HOH A O      1 
HETATM 421 O  O      . HOH J 6 . ? -3.82397 -2.25089  -8.22085  1.000 29.96309 ?  213 HOH A O      1 
HETATM 422 O  O      . HOH J 6 . ? -4.31982 10.52027  4.27793   1.000 19.67184 ?  214 HOH A O      1 
HETATM 423 O  O      . HOH J 6 . ? -9.06935 -6.42326  -2.31777  1.000 18.94319 ?  215 HOH A O      1 
HETATM 424 O  O      . HOH J 6 . ? -6.16158 8.44695   6.81228   1.000 22.74570 ?  216 HOH A O      1 
HETATM 425 O  O      . HOH J 6 . ? -3.66341 4.69928   7.43286   1.000 16.07416 ?  217 HOH A O      1 
HETATM 426 O  O      . HOH J 6 . ? -6.71090 3.88018   -2.66831  1.000 20.30685 ?  218 HOH A O      1 
HETATM 427 O  O      . HOH J 6 . ? -8.56799 5.32342   -1.94500  1.000 35.56756 ?  219 HOH A O      1 
HETATM 428 O  O      . HOH J 6 . ? -5.26250 -0.57838  -8.08879  1.000 30.28908 ?  220 HOH A O      1 
HETATM 429 O  O      . HOH K 6 . ? 13.98964 1.80161   1.78371   1.000 33.56824 ?  201 HOH B O      1 
HETATM 430 O  O      . HOH K 6 . ? -0.10563 3.28443   4.95838   1.000 9.94860  ?  202 HOH B O      1 
HETATM 431 O  O      . HOH K 6 . ? 9.28236  7.22249   4.58442   0.927 13.43384 ?  203 HOH B O      1 
HETATM 432 O  O      . HOH K 6 . ? 2.01396  5.40356   6.50281   0.493 10.37842 ?  204 HOH B O      1 
HETATM 433 O  O      . HOH K 6 . ? -2.19703 10.13199  4.92066   1.000 15.57131 ?  205 HOH B O      1 
HETATM 434 O  O      . HOH K 6 . ? 8.13155  -3.30514  -2.52202  0.898 13.58708 ?  206 HOH B O      1 
HETATM 435 O  O      . HOH K 6 . ? -1.11585 5.24009   6.78069   1.000 15.21137 ?  207 HOH B O      1 
HETATM 436 O  O      . HOH K 6 . ? 6.01645  -2.33829  -3.75503  1.000 11.32615 ?  208 HOH B O      1 
HETATM 437 O  O      . HOH K 6 . ? 8.14440  -5.56449  -3.88959  1.000 15.83254 ?  209 HOH B O      1 
HETATM 438 O  O      . HOH K 6 . ? 11.55245 4.46941   6.91156   1.000 28.05433 ?  210 HOH B O      1 
HETATM 439 O  O      . HOH K 6 . ? 4.91391  -8.01189  -4.18382  1.000 13.24834 ?  211 HOH B O      1 
HETATM 440 O  O      . HOH K 6 . ? 5.57697  1.54997   -4.32008  1.000 29.19869 ?  212 HOH B O      1 
HETATM 441 O  O      . HOH K 6 . ? 2.77425  -8.13807  -2.48962  1.000 19.55698 ?  213 HOH B O      1 
HETATM 442 O  O      . HOH K 6 . ? 13.44094 3.10190   -2.84191  1.000 33.97518 ?  214 HOH B O      1 
HETATM 443 O  O      . HOH K 6 . ? 8.97292  4.94492   7.73751   1.000 20.13721 ?  215 HOH B O      1 
HETATM 444 O  O      . HOH K 6 . ? 0.83155  5.35983   8.73151   1.000 26.92959 ?  216 HOH B O      1 
HETATM 445 O  O      . HOH K 6 . ? -2.04220 10.52414  7.64063   1.000 23.85582 ?  217 HOH B O      1 
HETATM 446 O  O      . HOH K 6 . ? 2.56946  6.39328   9.55396   0.726 21.10993 ?  218 HOH B O      1 
HETATM 447 O  O      . HOH K 6 . ? 7.14162  -7.61844  -2.75467  1.000 15.18737 ?  219 HOH B O      1 
HETATM 448 O  O      . HOH K 6 . ? 1.19653  7.94369   -2.38878  0.435 10.36558 ?  220 HOH B O      1 
HETATM 449 O  O      . HOH K 6 . ? 4.96484  4.97981   11.52223  1.000 20.03110 ?  221 HOH B O      1 
# 
loop_
_atom_site_anisotrop.id 
_atom_site_anisotrop.type_symbol 
_atom_site_anisotrop.pdbx_label_atom_id 
_atom_site_anisotrop.pdbx_label_alt_id 
_atom_site_anisotrop.pdbx_label_comp_id 
_atom_site_anisotrop.pdbx_label_asym_id 
_atom_site_anisotrop.pdbx_label_seq_id 
_atom_site_anisotrop.pdbx_PDB_ins_code 
_atom_site_anisotrop.U[1][1] 
_atom_site_anisotrop.U[2][2] 
_atom_site_anisotrop.U[3][3] 
_atom_site_anisotrop.U[1][2] 
_atom_site_anisotrop.U[1][3] 
_atom_site_anisotrop.U[2][3] 
_atom_site_anisotrop.pdbx_auth_seq_id 
_atom_site_anisotrop.pdbx_auth_comp_id 
_atom_site_anisotrop.pdbx_auth_asym_id 
_atom_site_anisotrop.pdbx_auth_atom_id 
1   N  N   . HT0 A 1 ? 0.13921 0.11613 0.19874 0.03218  0.05219  0.03832  2   HT0 A N   
2   C  CA  . HT0 A 1 ? 0.14452 0.10643 0.17919 0.02859  0.06042  0.03633  2   HT0 A CA  
3   C  C   . HT0 A 1 ? 0.14226 0.11007 0.17055 0.02549  0.05491  0.03811  2   HT0 A C   
4   O  O   . HT0 A 1 ? 0.14949 0.12050 0.20066 0.01496  0.04423  0.03815  2   HT0 A O   
5   C  CB  . HT0 A 1 ? 0.14287 0.11351 0.17618 0.03883  0.05634  0.03718  2   HT0 A CB  
6   O  OB  . HT0 A 1 ? 0.14722 0.12802 0.18983 0.05656  0.05048  0.03746  2   HT0 A OB  
7   C  CG  . HT0 A 1 ? 0.13063 0.10023 0.16239 0.03809  0.04843  0.04098  2   HT0 A CG  
8   C  CD1 . HT0 A 1 ? 0.11696 0.13002 0.15513 0.03719  0.04011  0.03771  2   HT0 A CD1 
9   C  CD2 . HT0 A 1 ? 0.14021 0.10499 0.15745 0.02531  0.05120  0.03470  2   HT0 A CD2 
10  C  CE1 . HT0 A 1 ? 0.12269 0.12221 0.14943 0.03377  0.03584  0.03695  2   HT0 A CE1 
11  C  CE2 . HT0 A 1 ? 0.13502 0.09835 0.15344 0.02078  0.04892  0.03802  2   HT0 A CE2 
12  C  CZ  . HT0 A 1 ? 0.11784 0.08631 0.14358 0.03128  0.03666  0.04533  2   HT0 A CZ  
13  O  OH  . HT0 A 1 ? 0.11270 0.07946 0.13771 0.02426  0.03170  0.04610  2   HT0 A OH  
14  C  C1  . HT0 A 1 ? 0.14022 0.14234 0.20827 0.04764  0.04644  0.03397  2   HT0 A C1  
15  O  O2  . HT0 A 1 ? 0.14916 0.16856 0.22331 0.05233  0.03540  0.03107  2   HT0 A O2  
23  N  N   . PHE A 2 ? 0.13817 0.10504 0.14474 0.02935  0.04937  0.04287  3   PHE A N   
24  C  CA  . PHE A 2 ? 0.13429 0.11149 0.13147 0.02842  0.04567  0.04028  3   PHE A CA  
25  C  C   . PHE A 2 ? 0.10769 0.10065 0.11563 0.02649  0.03444  0.04099  3   PHE A C   
26  O  O   . PHE A 2 ? 0.11211 0.11605 0.11879 0.01761  0.03267  0.03190  3   PHE A O   
27  C  CB  . PHE A 2 ? 0.13275 0.12035 0.13471 0.02870  0.04967  0.04603  3   PHE A CB  
28  C  CG  . PHE A 2 ? 0.12983 0.12521 0.13756 0.02870  0.05367  0.04939  3   PHE A CG  
29  C  CD1 . PHE A 2 ? 0.13555 0.14246 0.14801 0.02248  0.05111  0.04796  3   PHE A CD1 
30  C  CD2 . PHE A 2 ? 0.14256 0.13010 0.13252 0.02788  0.05320  0.05010  3   PHE A CD2 
31  C  CE1 . PHE A 2 ? 0.13481 0.14816 0.15001 0.02969  0.04612  0.04762  3   PHE A CE1 
32  C  CE2 . PHE A 2 ? 0.14421 0.12634 0.14022 0.03385  0.05194  0.04687  3   PHE A CE2 
33  C  CZ  . PHE A 2 ? 0.13871 0.13888 0.14371 0.03884  0.04915  0.04487  3   PHE A CZ  
43  N  N   . GHP A 3 ? 0.08468 0.08620 0.11492 0.02138  0.02929  0.04201  4   GHP A N   
44  C  CA  . GHP A 3 ? 0.08770 0.08673 0.11297 0.01725  0.02964  0.03811  4   GHP A CA  
45  C  C   . GHP A 3 ? 0.08494 0.08827 0.10757 0.01610  0.02809  0.03621  4   GHP A C   
46  O  O   . GHP A 3 ? 0.08351 0.08740 0.11869 0.01582  0.02573  0.03569  4   GHP A O   
47  C  C1  . GHP A 3 ? 0.08777 0.08216 0.11321 0.01735  0.02933  0.04212  4   GHP A C1  
48  C  C2  . GHP A 3 ? 0.09024 0.08171 0.11598 0.02147  0.02589  0.04347  4   GHP A C2  
49  C  C3  . GHP A 3 ? 0.09111 0.07553 0.12436 0.02729  0.02505  0.04795  4   GHP A C3  
50  C  C4  . GHP A 3 ? 0.08520 0.08752 0.11479 0.02515  0.02124  0.05165  4   GHP A C4  
51  O  O4  . GHP A 3 ? 0.08902 0.09103 0.11248 0.02661  0.02067  0.05267  4   GHP A O4  
52  C  C5  . GHP A 3 ? 0.08747 0.09198 0.11088 0.01713  0.02197  0.04726  4   GHP A C5  
53  C  C6  . GHP A 3 ? 0.09078 0.08097 0.11053 0.01961  0.02442  0.04659  4   GHP A C6  
58  N  N   . GHP A 4 ? 0.08218 0.08122 0.10614 0.02316  0.02447  0.03775  5   GHP A N   
59  C  CA  . GHP A 4 ? 0.07577 0.08638 0.11338 0.02017  0.02691  0.03892  5   GHP A CA  
60  C  C   . GHP A 4 ? 0.07755 0.07989 0.10993 0.01973  0.02530  0.04137  5   GHP A C   
61  O  O   . GHP A 4 ? 0.08195 0.08748 0.11712 0.02050  0.02434  0.03231  5   GHP A O   
62  C  C1  . GHP A 4 ? 0.08013 0.08179 0.11057 0.02801  0.02898  0.03821  5   GHP A C1  
63  C  C2  . GHP A 4 ? 0.08127 0.07798 0.11467 0.02548  0.03567  0.04382  5   GHP A C2  
64  C  C3  . GHP A 4 ? 0.09078 0.08529 0.11913 0.02916  0.03953  0.04906  5   GHP A C3  
65  C  C4  . GHP A 4 ? 0.09457 0.09842 0.11401 0.03427  0.03622  0.05707  5   GHP A C4  
66  O  O4  . GHP A 4 ? 0.11806 0.11241 0.11913 0.03388  0.03202  0.06397  5   GHP A O4  
67  C  C5  . GHP A 4 ? 0.09361 0.10567 0.11423 0.03201  0.02719  0.04666  5   GHP A C5  
68  C  C6  . GHP A 4 ? 0.08767 0.09290 0.11108 0.02520  0.02962  0.03871  5   GHP A C6  
75  N  N   . OMY A 5 ? 0.08541 0.08124 0.10720 0.02111  0.03234  0.03823  6   OMY A N   
76  C  CA  . OMY A 5 ? 0.08327 0.08206 0.11430 0.02309  0.03396  0.03585  6   OMY A CA  
77  O  OCZ . OMY A 5 ? 0.10078 0.08515 0.10570 0.01839  0.01854  0.04472  6   OMY A OCZ 
78  C  CE2 . OMY A 5 ? 0.08544 0.09613 0.11394 0.00713  0.02448  0.04019  6   OMY A CE2 
79  C  CE1 . OMY A 5 ? 0.08635 0.09632 0.11969 0.01669  0.02236  0.04657  6   OMY A CE1 
80  C  CZ  . OMY A 5 ? 0.09343 0.08614 0.10684 0.01713  0.02306  0.04521  6   OMY A CZ  
81  C  CG  . OMY A 5 ? 0.08432 0.09125 0.11167 0.01915  0.01904  0.04127  6   OMY A CG  
82  C  CD2 . OMY A 5 ? 0.08075 0.09988 0.10880 0.01120  0.02019  0.04543  6   OMY A CD2 
83  C  CD1 . OMY A 5 ? 0.08585 0.08716 0.12057 0.01484  0.02350  0.04460  6   OMY A CD1 
84  C  CB  . OMY A 5 ? 0.08581 0.08836 0.11681 0.01863  0.02933  0.03604  6   OMY A CB  
85  CL CL  . OMY A 5 ? 0.08564 0.10564 0.15253 0.02444  0.01984  0.04459  6   OMY A CL  
86  O  O   . OMY A 5 ? 0.09477 0.08452 0.13397 0.02454  0.03201  0.04506  6   OMY A O   
87  C  C   . OMY A 5 ? 0.09154 0.07831 0.12343 0.02542  0.03035  0.04251  6   OMY A C   
88  O  ODE . OMY A 5 ? 0.09659 0.09281 0.11314 0.02073  0.03449  0.03758  6   OMY A ODE 
95  N  N   . 3FG A 6 ? 0.08747 0.08505 0.12614 0.01549  0.03372  0.04667  7   3FG A N   
96  O  OD1 . 3FG A 6 ? 0.10857 0.10862 0.13695 0.03105  0.05005  0.05902  7   3FG A OD1 
97  C  CD1 . 3FG A 6 ? 0.10319 0.10153 0.13588 0.02464  0.04325  0.06285  7   3FG A CD1 
98  C  CG1 . 3FG A 6 ? 0.09593 0.08761 0.12817 0.02316  0.03597  0.05689  7   3FG A CG1 
99  C  CZ  . 3FG A 6 ? 0.09740 0.11073 0.14906 0.01345  0.04040  0.06569  7   3FG A CZ  
100 C  CD2 . 3FG A 6 ? 0.10319 0.11153 0.16191 -0.00035 0.04117  0.06209  7   3FG A CD2 
101 O  OD2 . 3FG A 6 ? 0.11597 0.12918 0.18839 -0.01707 0.05051  0.04883  7   3FG A OD2 
102 C  CG2 . 3FG A 6 ? 0.10558 0.10761 0.15367 0.00284  0.03767  0.05805  7   3FG A CG2 
103 C  CB  . 3FG A 6 ? 0.09587 0.09257 0.14004 0.01631  0.03463  0.05679  7   3FG A CB  
104 C  CA  . 3FG A 6 ? 0.09966 0.08425 0.14375 0.01533  0.03687  0.04848  7   3FG A CA  
105 C  C   . 3FG A 6 ? 0.13098 0.09269 0.17211 0.00830  0.04241  0.03090  7   3FG A C   
106 O  O   . 3FG A 6 ? 0.15455 0.12321 0.17985 -0.00902 0.04901  0.01696  7   3FG A O   
107 O  OXT . 3FG A 6 ? 0.14786 0.09392 0.21079 0.01308  0.02975  0.03118  7   3FG A OXT 
113 N  N   . HT0 B 1 ? 0.13380 0.10684 0.13317 0.04650  0.05922  0.04442  2   HT0 B N   
114 C  CA  . HT0 B 1 ? 0.13729 0.09287 0.12498 0.04056  0.05250  0.04401  2   HT0 B CA  
115 C  C   . HT0 B 1 ? 0.12536 0.08698 0.12281 0.02348  0.04806  0.04153  2   HT0 B C   
116 O  O   . HT0 B 1 ? 0.12993 0.11335 0.13514 0.02074  0.03428  0.02535  2   HT0 B O   
117 C  CB  . HT0 B 1 ? 0.13759 0.10387 0.12617 0.04384  0.05060  0.03996  2   HT0 B CB  
118 O  OB  . HT0 B 1 ? 0.13447 0.11670 0.12422 0.05041  0.05389  0.04544  2   HT0 B OB  
119 C  CG  . HT0 B 1 ? 0.12892 0.09892 0.11721 0.03680  0.04376  0.04672  2   HT0 B CG  
120 C  CD1 . HT0 B 1 ? 0.13146 0.10872 0.11336 0.03925  0.03038  0.04204  2   HT0 B CD1 
121 C  CD2 . HT0 B 1 ? 0.11997 0.10665 0.12746 0.03564  0.04266  0.04092  2   HT0 B CD2 
122 C  CE1 . HT0 B 1 ? 0.12556 0.10442 0.10590 0.03740  0.03122  0.03975  2   HT0 B CE1 
123 C  CE2 . HT0 B 1 ? 0.12204 0.10655 0.12457 0.02884  0.04613  0.03574  2   HT0 B CE2 
124 C  CZ  . HT0 B 1 ? 0.11828 0.09749 0.10370 0.03792  0.03994  0.03923  2   HT0 B CZ  
125 O  OH  . HT0 B 1 ? 0.12101 0.09963 0.10294 0.04256  0.02983  0.03724  2   HT0 B OH  
126 C  C1  . HT0 B 1 ? 0.13093 0.11881 0.13366 0.05292  0.06317  0.04295  2   HT0 B C1  
127 O  O2  . HT0 B 1 ? 0.13022 0.12716 0.14549 0.04984  0.06472  0.05086  2   HT0 B O2  
135 N  N   . PHE B 2 ? 0.11271 0.08647 0.11738 0.02742  0.04604  0.04032  3   PHE B N   
136 C  CA  . PHE B 2 ? 0.11315 0.08317 0.11967 0.02395  0.04374  0.03666  3   PHE B CA  
137 C  C   . PHE B 2 ? 0.09743 0.08488 0.10830 0.01535  0.03934  0.03877  3   PHE B C   
138 O  O   . PHE B 2 ? 0.09589 0.09413 0.12133 0.00983  0.04286  0.02580  3   PHE B O   
139 C  CB  . PHE B 2 ? 0.12809 0.08803 0.12545 0.03254  0.04074  0.04322  3   PHE B CB  
140 C  CG  . PHE B 2 ? 0.14209 0.08325 0.12565 0.03759  0.03822  0.04712  3   PHE B CG  
141 C  CD1 . PHE B 2 ? 0.15672 0.08913 0.11840 0.02944  0.04910  0.04769  3   PHE B CD1 
142 C  CD2 . PHE B 2 ? 0.14565 0.10555 0.12814 0.05081  0.02311  0.04535  3   PHE B CD2 
143 C  CE1 . PHE B 2 ? 0.17216 0.10155 0.11204 0.02924  0.04766  0.04986  3   PHE B CE1 
144 C  CE2 . PHE B 2 ? 0.16558 0.11379 0.11718 0.05176  0.02259  0.04593  3   PHE B CE2 
145 C  CZ  . PHE B 2 ? 0.17818 0.10980 0.10378 0.04401  0.03408  0.05001  3   PHE B CZ  
155 N  N   . GHP B 3 ? 0.08340 0.08145 0.11227 0.02065  0.03087  0.04138  4   GHP B N   
156 C  CA  . GHP B 3 ? 0.08048 0.07462 0.11277 0.01761  0.03227  0.03718  4   GHP B CA  
157 C  C   . GHP B 3 ? 0.08464 0.07795 0.10700 0.01725  0.02579  0.04109  4   GHP B C   
158 O  O   . GHP B 3 ? 0.08020 0.09589 0.11419 0.01385  0.02381  0.03564  4   GHP B O   
159 C  C1  . GHP B 3 ? 0.07744 0.08580 0.11519 0.02105  0.02791  0.03397  4   GHP B C1  
160 C  C2  . GHP B 3 ? 0.08231 0.08327 0.11300 0.02001  0.02590  0.03587  4   GHP B C2  
161 C  C3  . GHP B 3 ? 0.09350 0.09034 0.10657 0.02807  0.03212  0.03972  4   GHP B C3  
162 C  C4  . GHP B 3 ? 0.08989 0.09323 0.11703 0.03126  0.02990  0.04361  4   GHP B C4  
163 O  O4  . GHP B 3 ? 0.10998 0.09164 0.12487 0.04064  0.04121  0.05118  4   GHP B O4  
164 C  C5  . GHP B 3 ? 0.08306 0.07887 0.12277 0.02367  0.01969  0.03825  4   GHP B C5  
165 C  C6  . GHP B 3 ? 0.08210 0.07612 0.11426 0.02275  0.02315  0.03646  4   GHP B C6  
170 N  N   . GHP B 4 ? 0.08531 0.07776 0.11418 0.02212  0.02342  0.03421  5   GHP B N   
171 C  CA  . GHP B 4 ? 0.08461 0.07911 0.11890 0.01966  0.02502  0.03303  5   GHP B CA  
172 C  C   . GHP B 4 ? 0.08246 0.07808 0.12060 0.02143  0.01923  0.03916  5   GHP B C   
173 O  O   . GHP B 4 ? 0.08110 0.08664 0.13222 0.01713  0.02421  0.03064  5   GHP B O   
174 C  C1  . GHP B 4 ? 0.09007 0.07590 0.11666 0.01861  0.02343  0.03417  5   GHP B C1  
175 C  C2  . GHP B 4 ? 0.08315 0.07758 0.11003 0.01564  0.02385  0.03771  5   GHP B C2  
176 C  C3  . GHP B 4 ? 0.08598 0.08284 0.10966 0.01124  0.02177  0.03756  5   GHP B C3  
177 C  C4  . GHP B 4 ? 0.09675 0.07805 0.10658 0.01352  0.01915  0.04405  5   GHP B C4  
178 O  O4  . GHP B 4 ? 0.10873 0.09373 0.11152 0.00605  0.01651  0.04543  5   GHP B O4  
179 C  C5  . GHP B 4 ? 0.09784 0.07918 0.11632 0.01118  0.02058  0.04205  5   GHP B C5  
180 C  C6  . GHP B 4 ? 0.09217 0.07898 0.11915 0.01153  0.02111  0.04022  5   GHP B C6  
187 N  N   . OMY B 5 ? 0.08504 0.07796 0.12479 0.01820  0.02170  0.03435  6   OMY B N   
188 C  CA  . OMY B 5 ? 0.08967 0.07328 0.12438 0.02285  0.02252  0.03633  6   OMY B CA  
189 O  OCZ . OMY B 5 ? 0.09621 0.08061 0.12512 0.02000  0.01588  0.03756  6   OMY B OCZ 
190 C  CE2 . OMY B 5 ? 0.09159 0.07996 0.12452 0.01960  0.01454  0.03464  6   OMY B CE2 
191 C  CE1 . OMY B 5 ? 0.08748 0.09480 0.12510 0.01940  0.01968  0.04191  6   OMY B CE1 
192 C  CZ  . OMY B 5 ? 0.09197 0.07491 0.12592 0.02486  0.01184  0.03894  6   OMY B CZ  
193 C  CG  . OMY B 5 ? 0.08862 0.07622 0.13384 0.02087  0.02132  0.03178  6   OMY B CG  
194 C  CD2 . OMY B 5 ? 0.09387 0.08101 0.12637 0.02130  0.02392  0.02886  6   OMY B CD2 
195 C  CD1 . OMY B 5 ? 0.08580 0.08794 0.12932 0.01724  0.02002  0.03976  6   OMY B CD1 
196 C  CB  . OMY B 5 ? 0.08937 0.07955 0.12945 0.01867  0.02182  0.03451  6   OMY B CB  
197 CL CL  . OMY B 5 ? 0.09037 0.14966 0.12937 0.00635  0.02236  0.04284  6   OMY B CL  
198 O  O   . OMY B 5 ? 0.10156 0.10023 0.12523 0.01748  0.02800  0.02881  6   OMY B O   
199 C  C   . OMY B 5 ? 0.10030 0.07748 0.12031 0.01810  0.02521  0.03357  6   OMY B C   
200 O  ODE . OMY B 5 ? 0.09338 0.07835 0.13591 0.01894  0.02557  0.03165  6   OMY B ODE 
207 N  N   . 3FG B 6 ? 0.09482 0.08687 0.11827 0.00746  0.02125  0.03416  7   3FG B N   
208 O  OD1 . 3FG B 6 ? 0.09352 0.09729 0.12714 0.02028  0.01931  0.03814  7   3FG B OD1 
209 C  CD1 . 3FG B 6 ? 0.09667 0.09914 0.11962 0.01460  0.01757  0.03517  7   3FG B CD1 
210 C  CG1 . 3FG B 6 ? 0.09057 0.08902 0.10597 0.00728  0.01791  0.04192  7   3FG B CG1 
211 C  CZ  . 3FG B 6 ? 0.09124 0.12220 0.13870 0.00476  0.01599  0.02869  7   3FG B CZ  
212 C  CD2 . 3FG B 6 ? 0.09059 0.12423 0.15373 -0.00831 0.01686  0.02264  7   3FG B CD2 
213 O  OD2 . 3FG B 6 ? 0.10240 0.14093 0.18948 -0.01300 0.01344  0.00492  7   3FG B OD2 
214 C  CG2 . 3FG B 6 ? 0.10452 0.10362 0.13336 -0.00503 0.01286  0.03148  7   3FG B CG2 
215 C  CB  . 3FG B 6 ? 0.09832 0.09731 0.10393 0.00027  0.01591  0.04311  7   3FG B CB  
216 C  CA  . 3FG B 6 ? 0.10060 0.08965 0.11532 0.00620  0.01653  0.03765  7   3FG B CA  
217 C  C   . 3FG B 6 ? 0.12772 0.08949 0.11794 0.00270  0.01197  0.04067  7   3FG B C   
218 O  O   . 3FG B 6 ? 0.17566 0.09055 0.13934 -0.00270 -0.00202 0.03653  7   3FG B O   
219 O  OXT . 3FG B 6 ? 0.14018 0.10152 0.11380 0.00197  0.00931  0.04326  7   3FG B OXT 
224 C  C2  . BGC C . ? 0.12812 0.09872 0.12238 0.04063  0.04054  0.05468  1   BGC F C2  
225 C  C3  . BGC C . ? 0.13907 0.11187 0.13445 0.04452  0.05203  0.05851  1   BGC F C3  
226 C  C4  . BGC C . ? 0.12780 0.11149 0.15415 0.03894  0.05021  0.06876  1   BGC F C4  
227 C  C5  . BGC C . ? 0.11537 0.11187 0.16123 0.02310  0.03367  0.06778  1   BGC F C5  
228 C  C6  . BGC C . ? 0.12251 0.13520 0.19071 0.01503  0.02805  0.05144  1   BGC F C6  
229 C  C1  . BGC C . ? 0.10319 0.09394 0.12582 0.03090  0.03149  0.05858  1   BGC F C1  
230 O  O2  . BGC C . ? 0.14298 0.10164 0.12680 0.03762  0.03655  0.04453  1   BGC F O2  
231 O  O3  . BGC C . ? 0.16832 0.12120 0.12643 0.04427  0.05628  0.05744  1   BGC F O3  
232 O  O4  . BGC C . ? 0.12647 0.12519 0.16822 0.03807  0.05927  0.07499  1   BGC F O4  
233 O  O5  . BGC C . ? 0.09853 0.10228 0.14709 0.01947  0.02492  0.06815  1   BGC F O5  
234 O  O6  A BGC C . ? 0.12494 0.14617 0.20096 0.02309  0.02023  0.04352  1   BGC F O6  
235 O  O6  B BGC C . ? 0.12017 0.14123 0.19643 0.01285  0.03026  0.04754  1   BGC F O6  
249 C  C1  . Z6G C . ? 0.14385 0.12363 0.13206 0.02913  0.02370  0.04478  2   Z6G F C1  
250 C  C2  . Z6G C . ? 0.15804 0.13593 0.15362 0.02232  0.01779  0.03399  2   Z6G F C2  
251 C  C3  . Z6G C . ? 0.15717 0.11727 0.16816 0.01324  0.01654  0.03593  2   Z6G F C3  
252 C  C4  . Z6G C . ? 0.13187 0.12383 0.16668 0.00912  0.01992  0.04605  2   Z6G F C4  
253 C  C5  . Z6G C . ? 0.11333 0.10935 0.16723 0.01616  0.02119  0.04534  2   Z6G F C5  
254 C  C6  . Z6G C . ? 0.11583 0.12687 0.18361 0.02021  0.02158  0.03209  2   Z6G F C6  
255 O  O2  . Z6G C . ? 0.13276 0.13924 0.17745 0.00446  0.02452  0.04483  2   Z6G F O2  
256 O  O3  . Z6G C . ? 0.12817 0.10987 0.14610 0.02605  0.01999  0.05118  2   Z6G F O3  
257 N  N1  . Z6G C . ? 0.17171 0.12335 0.18615 0.00564  0.01516  0.02497  2   Z6G F N1  
271 C  C2  . BGC D . ? 0.15553 0.13514 0.14409 0.06133  0.06247  0.07036  1   BGC J C2  
272 C  C3  . BGC D . ? 0.17769 0.16077 0.16657 0.05515  0.07547  0.08137  1   BGC J C3  
273 C  C4  . BGC D . ? 0.17633 0.14328 0.20820 0.03652  0.08755  0.07085  1   BGC J C4  
274 C  C5  . BGC D . ? 0.15992 0.11365 0.22859 0.01731  0.09481  0.05029  1   BGC J C5  
275 C  C6  . BGC D . ? 0.17247 0.14776 0.25515 -0.00443 0.09369  0.03262  1   BGC J C6  
276 C  C1  . BGC D . ? 0.13322 0.09972 0.15062 0.04280  0.06504  0.05855  1   BGC J C1  
277 O  O2  . BGC D . ? 0.16555 0.16631 0.12682 0.09056  0.03887  0.05476  1   BGC J O2  
278 O  O3  . BGC D . ? 0.19487 0.17942 0.16259 0.06346  0.07010  0.08730  1   BGC J O3  
279 O  O4  . BGC D . ? 0.18719 0.16797 0.22696 0.02240  0.09490  0.07278  1   BGC J O4  
280 O  O5  . BGC D . ? 0.14472 0.10205 0.20601 0.02276  0.08982  0.04631  1   BGC J O5  
281 O  O6  . BGC D . ? 0.17766 0.17906 0.25809 -0.01872 0.09446  0.02518  1   BGC J O6  
292 C  C1  . Z6G D . ? 0.16975 0.18368 0.11285 0.09618  0.03812  0.05501  2   Z6G J C1  
293 C  C2  . Z6G D . ? 0.16388 0.22003 0.11853 0.09484  0.03515  0.04030  2   Z6G J C2  
294 C  C3  . Z6G D . ? 0.15568 0.22093 0.12278 0.10015  0.02876  0.02839  2   Z6G J C3  
295 C  C4  . Z6G D . ? 0.16998 0.19045 0.12828 0.10105  0.02164  0.03699  2   Z6G J C4  
296 C  C5  . Z6G D . ? 0.18735 0.16272 0.11672 0.09530  0.03518  0.04773  2   Z6G J C5  
297 C  C6  . Z6G D . ? 0.20932 0.16355 0.11530 0.08009  0.05025  0.04671  2   Z6G J C6  
298 O  O2  . Z6G D . ? 0.17699 0.18491 0.15206 0.09498  0.01528  0.02828  2   Z6G J O2  
299 O  O3  . Z6G D . ? 0.17956 0.15966 0.11681 0.09196  0.03959  0.05063  2   Z6G J O3  
300 N  N1  . Z6G D . ? 0.14767 0.24514 0.13508 0.09686  0.02745  0.01322  2   Z6G J N1  
313 C  C1  . MAN E . ? 0.10034 0.13708 0.13315 0.03578  0.04339  0.06347  101 MAN A C1  
314 C  C2  . MAN E . ? 0.10926 0.17757 0.14742 0.04168  0.04178  0.03748  101 MAN A C2  
315 C  C3  . MAN E . ? 0.11132 0.21820 0.15257 0.02657  0.04176  0.03372  101 MAN A C3  
316 C  C4  . MAN E . ? 0.09739 0.23049 0.14906 0.02088  0.02696  0.05243  101 MAN A C4  
317 C  C5  . MAN E . ? 0.08727 0.20265 0.14397 0.02464  0.01896  0.08221  101 MAN A C5  
318 C  C6  . MAN E . ? 0.10181 0.22921 0.15099 0.00208  0.01541  0.09816  101 MAN A C6  
319 O  O2  . MAN E . ? 0.11447 0.18419 0.17026 0.05662  0.04069  0.01689  101 MAN A O2  
320 O  O3  . MAN E . ? 0.12717 0.24367 0.18157 0.01563  0.04264  0.01830  101 MAN A O3  
321 O  O4  . MAN E . ? 0.10578 0.24209 0.17216 0.01416  0.01627  0.03795  101 MAN A O4  
322 O  O5  . MAN E . ? 0.08450 0.16404 0.13428 0.03187  0.03042  0.07974  101 MAN A O5  
323 O  O6  . MAN E . ? 0.10234 0.26484 0.15052 -0.01077 0.00984  0.10188  101 MAN A O6  
335 C  C1  . YBJ F . ? 0.11881 0.12453 0.12824 0.02636  0.02983  0.02005  102 YBJ A C1  
336 C  C2  . YBJ F . ? 0.12758 0.12561 0.13509 0.02131  0.03775  0.01271  102 YBJ A C2  
337 C  C3  . YBJ F . ? 0.12910 0.12812 0.17137 0.01345  0.03516  -0.00383 102 YBJ A C3  
338 C  C4  . YBJ F . ? 0.14031 0.14701 0.20132 0.00573  0.03145  -0.02147 102 YBJ A C4  
339 C  C5  . YBJ F . ? 0.13228 0.16781 0.18874 0.00192  0.02717  -0.01580 102 YBJ A C5  
340 N  N   . YBJ F . ? 0.13413 0.12844 0.18673 0.01542  0.02948  -0.00426 102 YBJ A N   
341 C  C   . YBJ F . ? 0.13619 0.18105 0.20019 -0.00819 0.02505  -0.01571 102 YBJ A C   
342 O  O   . YBJ F . ? 0.12830 0.16023 0.15389 0.02000  0.02418  -0.00412 102 YBJ A O   
343 C  C6  . YBJ F . ? 0.15115 0.14877 0.24944 -0.00676 0.02502  -0.03211 102 YBJ A C6  
344 O  O2  . YBJ F . ? 0.15124 0.14614 0.24243 -0.00526 0.02801  -0.03162 102 YBJ A O2  
359 C  C1  . MAN G . ? 0.09087 0.10259 0.13492 0.02477  0.02291  0.03722  101 MAN B C1  
360 C  C2  . MAN G . ? 0.09765 0.11419 0.14827 0.01377  0.03020  0.03157  101 MAN B C2  
361 C  C3  . MAN G . ? 0.11417 0.10152 0.17366 0.01775  0.02834  0.03451  101 MAN B C3  
362 C  C4  . MAN G . ? 0.10309 0.10233 0.19755 0.02226  0.02788  0.02829  101 MAN B C4  
363 C  C5  . MAN G . ? 0.08926 0.09479 0.18520 0.02377  0.02614  0.03523  101 MAN B C5  
364 C  C6  . MAN G . ? 0.09269 0.10989 0.21243 0.01691  0.02624  0.03313  101 MAN B C6  
365 O  O2  . MAN G . ? 0.09455 0.13729 0.15410 0.01257  0.02687  0.02046  101 MAN B O2  
366 O  O3  . MAN G . ? 0.13175 0.11454 0.17992 0.01234  0.02727  0.03569  101 MAN B O3  
367 O  O4  . MAN G . ? 0.12227 0.10564 0.23639 0.02727  0.02175  0.01726  101 MAN B O4  
368 O  O5  . MAN G . ? 0.08652 0.09925 0.14958 0.02217  0.02482  0.04092  101 MAN B O5  
369 O  O6  . MAN G . ? 0.10218 0.11636 0.23734 0.01207  0.01682  0.03262  101 MAN B O6  
381 C  C1  . YBJ H . ? 0.10186 0.08470 0.13219 0.02625  0.02833  0.03201  102 YBJ B C1  
382 C  C2  . YBJ H . ? 0.11264 0.09078 0.14236 0.02617  0.03376  0.02825  102 YBJ B C2  
383 C  C3  . YBJ H . ? 0.12776 0.10178 0.13261 0.02189  0.04002  0.03657  102 YBJ B C3  
384 C  C4  . YBJ H . ? 0.14059 0.11341 0.12291 0.01151  0.03921  0.03190  102 YBJ B C4  
385 C  C5  . YBJ H . ? 0.12778 0.09387 0.13069 0.01223  0.03291  0.02648  102 YBJ B C5  
386 N  N   . YBJ H . ? 0.13007 0.12727 0.13435 0.02246  0.04174  0.04431  102 YBJ B N   
387 C  C   . YBJ H . ? 0.13529 0.09512 0.14230 0.00047  0.03550  0.02143  102 YBJ B C   
388 O  O   . YBJ H . ? 0.11246 0.08264 0.12235 0.02321  0.02953  0.03080  102 YBJ B O   
389 C  C6  . YBJ H . ? 0.17172 0.15392 0.12655 0.01596  0.03248  0.01911  102 YBJ B C6  
390 O  O2  . YBJ H . ? 0.16449 0.14483 0.12852 0.01518  0.03408  0.01845  102 YBJ B O2  
405 C  C   . FMT I . ? 0.27042 0.27898 0.21123 0.00431  0.10567  0.00960  103 FMT B C   
406 O  O1  . FMT I . ? 0.28406 0.28399 0.20657 0.01324  0.10015  0.01039  103 FMT B O1  
407 O  O2  . FMT I . ? 0.25639 0.27570 0.21616 -0.00467 0.10782  0.01159  103 FMT B O2  
# 
